data_6RIJ
#
_entry.id   6RIJ
#
_cell.length_a   72.310
_cell.length_b   148.060
_cell.length_c   162.960
_cell.angle_alpha   90.000
_cell.angle_beta   90.510
_cell.angle_gamma   90.000
#
_symmetry.space_group_name_H-M   'C 1 2 1'
#
loop_
_entity.id
_entity.type
_entity.pdbx_description
1 polymer 'Cyclin-dependent kinase 2'
2 polymer Cyclin-A2
3 non-polymer 4-[[[5-nitroso-2-[[(2~{R})-1-oxidanylbutan-2-yl]amino]-6-(propan-2-ylamino)pyrimidin-4-yl]amino]methyl]phenol
4 non-polymer 'SODIUM ION'
5 non-polymer GLYCEROL
6 water water
#
loop_
_entity_poly.entity_id
_entity_poly.type
_entity_poly.pdbx_seq_one_letter_code
_entity_poly.pdbx_strand_id
1 'polypeptide(L)'
;SMENFQKVEKIGEGTYGVVYKARNKLTGEVVALKKIRLDTETEGVPSTAIREISLLKELNHPNIVKLLDVIHTENKLYLV
FEFLHQDLKKFMDASALTGIPLPLIKSYLFQLLQGLAFCHSHRVLHRDLKPQNLLINTEGAIKLADFGLARAFGVPVRTY
(TPO)HEVVTLWYRAPEILLGCKYYSTAVDIWSLGCIFAEMVTRRALFPGDSEIDQLFRIFRTLGTPDEVVWPGVTSMPD
YKPSFPKWARQDFSKVVPPLDEDGRSLLSQMLHYDPNKRISAKAALAHPFFQDVTKPVPHLRL
;
A,C
2 'polypeptide(L)'
;VPDYHEDIHTYLREMEVKCKPKVGYMKKQPDITNSMRAILVDWLVEVGEEYKLQNETLHLAVNYIDRFLSSMSVLRGKLQ
LVGTAAMLLASKFEEIYPPEVAEFVYITDDTYTKKQVLRMEHLVLKVLTFDLAAPTVNQFLTQYFLHQQPANCKVESLAM
FLGELSLIDADPYLKYLPSVIAGAAFHLALYTVTGQSWPESLIRKTGYTLESLKPCLMDLHQTYLKAPQHAQQSIREKYK
NSKYHGVSLLNPPETLNL
;
B,D
#
loop_
_chem_comp.id
_chem_comp.type
_chem_comp.name
_chem_comp.formula
GOL non-polymer GLYCEROL 'C3 H8 O3'
K4W non-polymer 4-[[[5-nitroso-2-[[(2~{R})-1-oxidanylbutan-2-yl]amino]-6-(propan-2-ylamino)pyrimidin-4-yl]amino]methyl]phenol 'C18 H26 N6 O3'
NA non-polymer 'SODIUM ION' 'Na 1'
#
# COMPACT_ATOMS: atom_id res chain seq x y z
N MET A 2 -50.83 -9.16 -21.34
CA MET A 2 -51.14 -10.11 -20.19
C MET A 2 -52.30 -11.06 -20.39
N GLU A 3 -53.12 -10.82 -21.42
CA GLU A 3 -54.13 -11.76 -21.93
C GLU A 3 -53.67 -13.23 -22.03
N ASN A 4 -52.42 -13.46 -22.44
CA ASN A 4 -51.87 -14.81 -22.63
C ASN A 4 -51.37 -15.55 -21.37
N PHE A 5 -51.42 -14.92 -20.20
CA PHE A 5 -51.05 -15.61 -18.96
C PHE A 5 -52.27 -15.97 -18.17
N GLN A 6 -52.27 -17.20 -17.68
CA GLN A 6 -53.30 -17.67 -16.75
C GLN A 6 -52.61 -17.75 -15.39
N LYS A 7 -53.21 -17.13 -14.38
CA LYS A 7 -52.71 -17.26 -12.99
C LYS A 7 -53.07 -18.62 -12.41
N VAL A 8 -52.06 -19.35 -11.92
CA VAL A 8 -52.25 -20.67 -11.27
C VAL A 8 -52.41 -20.56 -9.74
N GLU A 9 -51.48 -19.88 -9.06
CA GLU A 9 -51.55 -19.68 -7.59
C GLU A 9 -50.74 -18.47 -7.12
N LYS A 10 -51.18 -17.89 -6.00
CA LYS A 10 -50.44 -16.82 -5.32
C LYS A 10 -49.21 -17.42 -4.67
N ILE A 11 -48.03 -16.98 -5.07
CA ILE A 11 -46.78 -17.45 -4.47
C ILE A 11 -46.53 -16.70 -3.14
N GLY A 12 -46.77 -15.39 -3.15
CA GLY A 12 -46.65 -14.56 -1.95
C GLY A 12 -46.63 -13.07 -2.24
N GLU A 13 -46.08 -12.30 -1.28
CA GLU A 13 -45.74 -10.89 -1.46
C GLU A 13 -44.21 -10.74 -1.34
N GLY A 14 -43.59 -9.97 -2.25
CA GLY A 14 -42.13 -9.75 -2.25
C GLY A 14 -41.68 -8.47 -1.53
N THR A 15 -40.43 -8.06 -1.78
CA THR A 15 -39.92 -6.71 -1.41
C THR A 15 -40.87 -5.53 -1.80
N TYR A 16 -41.78 -5.79 -2.74
CA TYR A 16 -42.84 -4.87 -3.17
C TYR A 16 -43.80 -5.68 -4.06
N GLY A 17 -45.07 -5.26 -4.12
CA GLY A 17 -46.07 -5.95 -4.94
C GLY A 17 -46.31 -7.43 -4.64
N VAL A 18 -46.82 -8.17 -5.64
CA VAL A 18 -47.34 -9.54 -5.48
C VAL A 18 -46.75 -10.51 -6.51
N VAL A 19 -46.54 -11.76 -6.12
CA VAL A 19 -45.94 -12.78 -6.98
C VAL A 19 -46.98 -13.88 -7.22
N TYR A 20 -47.08 -14.31 -8.49
CA TYR A 20 -48.00 -15.37 -8.91
C TYR A 20 -47.25 -16.40 -9.71
N LYS A 21 -47.61 -17.65 -9.52
CA LYS A 21 -47.26 -18.69 -10.46
C LYS A 21 -48.26 -18.56 -11.63
N ALA A 22 -47.75 -18.66 -12.85
CA ALA A 22 -48.59 -18.49 -14.01
C ALA A 22 -48.15 -19.36 -15.16
N ARG A 23 -49.10 -19.58 -16.08
N ARG A 23 -49.08 -19.55 -16.10
CA ARG A 23 -48.86 -20.40 -17.27
CA ARG A 23 -48.84 -20.39 -17.27
C ARG A 23 -49.13 -19.56 -18.51
C ARG A 23 -49.13 -19.59 -18.53
N ASN A 24 -48.21 -19.64 -19.47
CA ASN A 24 -48.43 -19.06 -20.81
C ASN A 24 -49.40 -19.99 -21.54
N LYS A 25 -50.59 -19.48 -21.81
CA LYS A 25 -51.68 -20.22 -22.44
C LYS A 25 -51.42 -20.66 -23.87
N LEU A 26 -50.45 -20.04 -24.55
CA LEU A 26 -50.10 -20.40 -25.92
C LEU A 26 -48.90 -21.32 -26.02
N THR A 27 -47.89 -21.11 -25.19
CA THR A 27 -46.67 -21.91 -25.22
C THR A 27 -46.62 -23.02 -24.20
N GLY A 28 -47.41 -22.91 -23.12
CA GLY A 28 -47.36 -23.86 -21.98
C GLY A 28 -46.36 -23.48 -20.88
N GLU A 29 -45.44 -22.54 -21.18
CA GLU A 29 -44.33 -22.15 -20.31
C GLU A 29 -44.83 -21.64 -18.94
N VAL A 30 -44.24 -22.21 -17.88
CA VAL A 30 -44.58 -21.84 -16.50
C VAL A 30 -43.63 -20.72 -16.06
N VAL A 31 -44.22 -19.63 -15.57
CA VAL A 31 -43.43 -18.50 -15.11
C VAL A 31 -43.89 -18.03 -13.72
N ALA A 32 -43.09 -17.14 -13.14
CA ALA A 32 -43.50 -16.35 -11.97
C ALA A 32 -43.60 -14.89 -12.36
N LEU A 33 -44.75 -14.30 -12.04
CA LEU A 33 -45.09 -12.94 -12.35
C LEU A 33 -45.02 -12.09 -11.09
N LYS A 34 -44.22 -11.02 -11.16
CA LYS A 34 -44.17 -10.04 -10.08
C LYS A 34 -44.96 -8.83 -10.53
N LYS A 35 -46.12 -8.58 -9.93
CA LYS A 35 -46.98 -7.43 -10.29
C LYS A 35 -46.68 -6.24 -9.36
N ILE A 36 -46.58 -5.06 -9.93
CA ILE A 36 -46.48 -3.77 -9.22
C ILE A 36 -47.62 -2.83 -9.69
N ARG A 37 -48.51 -2.40 -8.79
CA ARG A 37 -49.57 -1.42 -9.17
C ARG A 37 -48.99 0.00 -9.10
N LEU A 38 -49.00 0.70 -10.23
CA LEU A 38 -48.34 2.00 -10.35
C LEU A 38 -49.22 3.17 -9.89
N ASP A 39 -50.52 3.05 -10.14
CA ASP A 39 -51.51 4.08 -9.78
C ASP A 39 -51.70 4.32 -8.25
N THR A 40 -51.24 3.38 -7.41
CA THR A 40 -51.43 3.45 -5.96
C THR A 40 -50.19 4.06 -5.27
N GLU A 41 -49.21 4.53 -6.05
CA GLU A 41 -48.04 5.27 -5.55
C GLU A 41 -47.91 6.69 -6.07
N THR A 42 -48.34 6.94 -7.30
CA THR A 42 -48.31 8.28 -7.91
C THR A 42 -46.95 9.02 -7.78
N GLU A 43 -45.89 8.23 -7.77
CA GLU A 43 -44.53 8.71 -7.77
C GLU A 43 -43.74 8.06 -8.96
N GLY A 44 -44.46 7.43 -9.89
CA GLY A 44 -43.86 6.74 -11.03
C GLY A 44 -43.45 5.30 -10.77
N VAL A 45 -42.50 4.81 -11.55
CA VAL A 45 -41.99 3.47 -11.36
C VAL A 45 -41.10 3.50 -10.10
N PRO A 46 -41.33 2.57 -9.13
CA PRO A 46 -40.56 2.60 -7.87
C PRO A 46 -39.13 2.26 -8.07
N SER A 47 -38.27 2.84 -7.23
CA SER A 47 -36.81 2.59 -7.34
C SER A 47 -36.45 1.13 -7.20
N THR A 48 -37.19 0.45 -6.32
CA THR A 48 -37.04 -0.98 -6.11
C THR A 48 -37.15 -1.71 -7.46
N ALA A 49 -38.17 -1.40 -8.22
CA ALA A 49 -38.36 -2.01 -9.54
C ALA A 49 -37.31 -1.61 -10.58
N ILE A 50 -36.99 -0.33 -10.63
CA ILE A 50 -35.99 0.18 -11.54
C ILE A 50 -34.68 -0.55 -11.28
N ARG A 51 -34.29 -0.68 -10.02
CA ARG A 51 -33.01 -1.33 -9.71
C ARG A 51 -33.01 -2.84 -9.96
N GLU A 52 -34.09 -3.51 -9.59
CA GLU A 52 -34.17 -4.97 -9.76
C GLU A 52 -34.02 -5.33 -11.22
N ILE A 53 -34.76 -4.63 -12.09
CA ILE A 53 -34.80 -4.88 -13.53
C ILE A 53 -33.45 -4.56 -14.19
N SER A 54 -32.96 -3.36 -13.95
CA SER A 54 -31.74 -2.94 -14.56
C SER A 54 -30.59 -3.81 -14.13
N LEU A 55 -30.55 -4.18 -12.85
CA LEU A 55 -29.41 -4.98 -12.38
C LEU A 55 -29.54 -6.43 -12.78
N LEU A 56 -30.76 -6.97 -12.81
CA LEU A 56 -30.92 -8.36 -13.30
C LEU A 56 -30.55 -8.54 -14.77
N LYS A 57 -30.76 -7.54 -15.60
CA LYS A 57 -30.35 -7.66 -17.02
C LYS A 57 -28.83 -7.69 -17.19
N GLU A 58 -28.10 -7.22 -16.20
CA GLU A 58 -26.64 -7.36 -16.14
C GLU A 58 -26.11 -8.61 -15.40
N LEU A 59 -27.01 -9.46 -14.87
CA LEU A 59 -26.64 -10.58 -14.01
C LEU A 59 -27.14 -11.91 -14.59
N ASN A 60 -26.53 -12.38 -15.68
CA ASN A 60 -26.83 -13.70 -16.25
C ASN A 60 -25.89 -14.77 -15.72
N HIS A 61 -26.44 -15.66 -14.93
CA HIS A 61 -25.67 -16.64 -14.21
C HIS A 61 -26.59 -17.78 -13.79
N PRO A 62 -26.07 -19.02 -13.70
CA PRO A 62 -26.97 -20.16 -13.38
C PRO A 62 -27.58 -20.12 -11.97
N ASN A 63 -26.89 -19.43 -11.07
CA ASN A 63 -27.31 -19.26 -9.69
C ASN A 63 -27.93 -17.89 -9.37
N ILE A 64 -28.38 -17.19 -10.41
CA ILE A 64 -29.16 -15.96 -10.26
C ILE A 64 -30.43 -16.12 -11.06
N VAL A 65 -31.54 -15.79 -10.45
CA VAL A 65 -32.83 -15.99 -11.07
C VAL A 65 -32.93 -15.18 -12.36
N LYS A 66 -33.55 -15.78 -13.35
CA LYS A 66 -33.58 -15.20 -14.69
C LYS A 66 -34.83 -14.39 -14.93
N LEU A 67 -34.61 -13.14 -15.31
CA LEU A 67 -35.70 -12.27 -15.68
C LEU A 67 -35.92 -12.48 -17.19
N LEU A 68 -37.16 -12.80 -17.56
CA LEU A 68 -37.52 -13.18 -18.93
C LEU A 68 -38.05 -12.01 -19.76
N ASP A 69 -38.90 -11.17 -19.17
CA ASP A 69 -39.55 -10.10 -19.90
C ASP A 69 -40.05 -9.09 -18.87
N VAL A 70 -40.31 -7.86 -19.32
CA VAL A 70 -40.94 -6.84 -18.51
C VAL A 70 -42.07 -6.27 -19.33
N ILE A 71 -43.28 -6.30 -18.79
CA ILE A 71 -44.44 -5.86 -19.52
C ILE A 71 -44.99 -4.69 -18.76
N HIS A 72 -45.09 -3.60 -19.49
CA HIS A 72 -45.21 -2.26 -18.96
C HIS A 72 -46.50 -1.63 -19.45
N THR A 73 -47.60 -1.80 -18.74
CA THR A 73 -48.87 -1.17 -19.20
C THR A 73 -48.84 0.32 -18.77
N GLU A 74 -49.89 1.04 -19.17
CA GLU A 74 -50.16 2.39 -18.68
C GLU A 74 -50.51 2.32 -17.20
N ASN A 75 -51.15 1.21 -16.80
CA ASN A 75 -51.67 0.99 -15.45
C ASN A 75 -50.79 0.09 -14.56
N LYS A 76 -50.10 -0.87 -15.14
CA LYS A 76 -49.40 -1.88 -14.34
C LYS A 76 -48.04 -2.25 -14.90
N LEU A 77 -47.26 -2.90 -14.07
CA LEU A 77 -45.92 -3.33 -14.45
C LEU A 77 -45.72 -4.75 -13.96
N TYR A 78 -45.34 -5.66 -14.87
CA TYR A 78 -45.16 -7.07 -14.55
C TYR A 78 -43.76 -7.43 -14.91
N LEU A 79 -43.07 -8.09 -13.99
CA LEU A 79 -41.78 -8.69 -14.30
C LEU A 79 -42.11 -10.16 -14.47
N VAL A 80 -41.57 -10.77 -15.51
CA VAL A 80 -41.85 -12.15 -15.84
C VAL A 80 -40.55 -12.87 -15.63
N PHE A 81 -40.57 -13.83 -14.70
CA PHE A 81 -39.36 -14.57 -14.37
C PHE A 81 -39.62 -16.03 -14.66
N GLU A 82 -38.53 -16.78 -14.80
CA GLU A 82 -38.57 -18.23 -14.67
C GLU A 82 -39.24 -18.65 -13.34
N PHE A 83 -39.87 -19.80 -13.34
CA PHE A 83 -40.47 -20.37 -12.14
C PHE A 83 -39.58 -21.50 -11.60
N LEU A 84 -39.30 -21.45 -10.29
CA LEU A 84 -38.70 -22.54 -9.56
C LEU A 84 -39.68 -22.98 -8.50
N HIS A 85 -39.73 -24.28 -8.25
CA HIS A 85 -40.84 -24.87 -7.48
C HIS A 85 -40.78 -24.69 -5.97
N GLN A 86 -39.61 -24.34 -5.43
CA GLN A 86 -39.46 -24.27 -3.97
C GLN A 86 -38.48 -23.19 -3.48
N ASP A 87 -38.76 -22.58 -2.32
CA ASP A 87 -37.75 -21.74 -1.66
C ASP A 87 -37.03 -22.49 -0.52
N LEU A 88 -35.87 -22.00 -0.14
CA LEU A 88 -35.06 -22.65 0.91
C LEU A 88 -35.75 -22.67 2.29
N LYS A 89 -36.50 -21.63 2.64
CA LYS A 89 -37.17 -21.64 3.92
C LYS A 89 -38.10 -22.85 3.98
N LYS A 90 -38.89 -23.07 2.95
CA LYS A 90 -39.82 -24.18 2.92
C LYS A 90 -39.09 -25.51 2.87
N PHE A 91 -37.98 -25.57 2.16
CA PHE A 91 -37.23 -26.81 2.10
C PHE A 91 -36.66 -27.17 3.48
N MET A 92 -36.17 -26.17 4.21
CA MET A 92 -35.68 -26.41 5.60
C MET A 92 -36.78 -26.88 6.55
N ASP A 93 -37.99 -26.33 6.41
CA ASP A 93 -39.14 -26.77 7.20
C ASP A 93 -39.52 -28.23 6.92
N ALA A 94 -39.52 -28.62 5.66
CA ALA A 94 -39.81 -30.00 5.30
C ALA A 94 -38.66 -30.98 5.66
N SER A 95 -37.46 -30.48 5.92
CA SER A 95 -36.33 -31.31 6.38
C SER A 95 -35.99 -31.07 7.87
N ALA A 96 -36.92 -30.49 8.62
CA ALA A 96 -36.69 -30.02 10.01
C ALA A 96 -36.24 -31.10 11.01
N LEU A 97 -36.61 -32.35 10.78
CA LEU A 97 -36.25 -33.42 11.72
C LEU A 97 -34.96 -34.05 11.29
N THR A 98 -35.02 -34.76 10.18
CA THR A 98 -33.89 -35.58 9.72
C THR A 98 -32.64 -34.78 9.32
N GLY A 99 -32.81 -33.48 9.05
CA GLY A 99 -31.71 -32.64 8.59
C GLY A 99 -31.64 -32.64 7.07
N ILE A 100 -31.14 -31.53 6.51
CA ILE A 100 -30.68 -31.50 5.12
C ILE A 100 -29.33 -32.22 5.11
N PRO A 101 -29.18 -33.26 4.29
CA PRO A 101 -27.89 -33.97 4.24
C PRO A 101 -26.68 -33.05 3.99
N LEU A 102 -25.54 -33.35 4.61
CA LEU A 102 -24.35 -32.49 4.52
C LEU A 102 -23.89 -32.21 3.07
N PRO A 103 -23.93 -33.22 2.18
CA PRO A 103 -23.45 -32.89 0.81
C PRO A 103 -24.35 -31.90 0.07
N LEU A 104 -25.65 -31.95 0.34
CA LEU A 104 -26.57 -30.99 -0.25
C LEU A 104 -26.40 -29.57 0.35
N ILE A 105 -26.15 -29.48 1.65
CA ILE A 105 -25.83 -28.21 2.29
C ILE A 105 -24.54 -27.61 1.67
N LYS A 106 -23.53 -28.43 1.46
CA LYS A 106 -22.30 -27.95 0.86
C LYS A 106 -22.54 -27.51 -0.59
N SER A 107 -23.27 -28.33 -1.33
CA SER A 107 -23.59 -27.99 -2.71
C SER A 107 -24.35 -26.65 -2.83
N TYR A 108 -25.38 -26.46 -2.02
CA TYR A 108 -26.15 -25.25 -2.02
C TYR A 108 -25.33 -24.02 -1.60
N LEU A 109 -24.50 -24.15 -0.59
CA LEU A 109 -23.65 -23.07 -0.18
C LEU A 109 -22.66 -22.70 -1.27
N PHE A 110 -22.13 -23.69 -1.96
CA PHE A 110 -21.18 -23.47 -3.04
C PHE A 110 -21.83 -22.67 -4.16
N GLN A 111 -23.04 -23.08 -4.52
CA GLN A 111 -23.80 -22.42 -5.59
C GLN A 111 -24.17 -21.01 -5.22
N LEU A 112 -24.60 -20.81 -3.97
CA LEU A 112 -24.97 -19.48 -3.46
C LEU A 112 -23.77 -18.55 -3.54
N LEU A 113 -22.61 -19.05 -3.17
CA LEU A 113 -21.37 -18.30 -3.26
C LEU A 113 -20.96 -17.96 -4.71
N GLN A 114 -21.17 -18.86 -5.63
CA GLN A 114 -20.89 -18.58 -7.05
C GLN A 114 -21.76 -17.43 -7.58
N GLY A 115 -23.06 -17.52 -7.27
CA GLY A 115 -24.01 -16.50 -7.58
C GLY A 115 -23.64 -15.15 -6.95
N LEU A 116 -23.25 -15.18 -5.69
CA LEU A 116 -22.91 -13.99 -4.99
C LEU A 116 -21.57 -13.39 -5.45
N ALA A 117 -20.57 -14.23 -5.68
CA ALA A 117 -19.28 -13.72 -6.24
C ALA A 117 -19.53 -12.97 -7.54
N PHE A 118 -20.44 -13.50 -8.36
CA PHE A 118 -20.80 -12.92 -9.63
C PHE A 118 -21.46 -11.52 -9.44
N CYS A 119 -22.48 -11.45 -8.60
CA CYS A 119 -23.03 -10.16 -8.16
C CYS A 119 -21.96 -9.15 -7.77
N HIS A 120 -21.03 -9.57 -6.93
CA HIS A 120 -20.02 -8.65 -6.37
C HIS A 120 -19.00 -8.24 -7.44
N SER A 121 -18.68 -9.16 -8.33
CA SER A 121 -17.85 -8.91 -9.53
C SER A 121 -18.44 -7.95 -10.56
N HIS A 122 -19.77 -7.79 -10.52
CA HIS A 122 -20.50 -6.87 -11.35
C HIS A 122 -21.07 -5.72 -10.50
N ARG A 123 -20.33 -5.33 -9.47
CA ARG A 123 -20.65 -4.23 -8.58
C ARG A 123 -22.08 -4.18 -8.06
N VAL A 124 -22.66 -5.33 -7.74
CA VAL A 124 -24.03 -5.39 -7.15
C VAL A 124 -23.99 -5.97 -5.73
N LEU A 125 -24.62 -5.26 -4.78
CA LEU A 125 -24.92 -5.77 -3.44
C LEU A 125 -26.37 -6.20 -3.39
N HIS A 126 -26.63 -7.41 -2.88
CA HIS A 126 -27.98 -7.96 -2.83
C HIS A 126 -28.79 -7.36 -1.72
N ARG A 127 -28.25 -7.44 -0.50
CA ARG A 127 -28.75 -6.77 0.71
C ARG A 127 -30.08 -7.30 1.28
N ASP A 128 -30.46 -8.51 0.92
CA ASP A 128 -31.63 -9.16 1.50
C ASP A 128 -31.57 -10.66 1.36
N LEU A 129 -30.37 -11.21 1.59
CA LEU A 129 -30.19 -12.65 1.52
C LEU A 129 -30.86 -13.26 2.73
N LYS A 130 -31.76 -14.19 2.48
CA LYS A 130 -32.46 -14.94 3.51
C LYS A 130 -33.08 -16.11 2.79
N PRO A 131 -33.42 -17.19 3.53
CA PRO A 131 -33.90 -18.43 2.88
C PRO A 131 -35.17 -18.27 1.96
N GLN A 132 -36.06 -17.37 2.36
N GLN A 132 -36.03 -17.32 2.31
CA GLN A 132 -37.25 -17.02 1.59
CA GLN A 132 -37.24 -17.01 1.54
C GLN A 132 -36.91 -16.53 0.15
C GLN A 132 -36.91 -16.53 0.13
N ASN A 133 -35.74 -15.91 -0.05
CA ASN A 133 -35.31 -15.35 -1.33
C ASN A 133 -34.36 -16.27 -2.13
N LEU A 134 -34.20 -17.51 -1.72
CA LEU A 134 -33.28 -18.42 -2.36
C LEU A 134 -34.08 -19.58 -2.92
N LEU A 135 -33.99 -19.78 -4.23
CA LEU A 135 -35.01 -20.62 -4.92
C LEU A 135 -34.33 -21.83 -5.46
N ILE A 136 -35.00 -22.96 -5.32
CA ILE A 136 -34.45 -24.26 -5.70
C ILE A 136 -35.37 -24.93 -6.76
N ASN A 137 -34.76 -25.52 -7.77
CA ASN A 137 -35.49 -26.28 -8.79
C ASN A 137 -35.31 -27.78 -8.53
N THR A 138 -36.05 -28.58 -9.25
CA THR A 138 -35.98 -30.03 -9.09
C THR A 138 -34.67 -30.63 -9.62
N GLU A 139 -33.95 -29.88 -10.47
CA GLU A 139 -32.60 -30.27 -10.96
C GLU A 139 -31.44 -30.22 -9.89
N GLY A 140 -31.69 -29.75 -8.65
CA GLY A 140 -30.62 -29.52 -7.64
C GLY A 140 -29.90 -28.15 -7.65
N ALA A 141 -30.40 -27.20 -8.42
CA ALA A 141 -29.80 -25.87 -8.50
C ALA A 141 -30.43 -24.98 -7.44
N ILE A 142 -29.64 -24.02 -6.96
CA ILE A 142 -30.21 -22.99 -6.09
C ILE A 142 -29.84 -21.63 -6.67
N LYS A 143 -30.77 -20.68 -6.54
CA LYS A 143 -30.62 -19.35 -7.15
C LYS A 143 -30.94 -18.18 -6.22
N LEU A 144 -30.16 -17.13 -6.36
CA LEU A 144 -30.45 -15.87 -5.68
C LEU A 144 -31.62 -15.22 -6.36
N ALA A 145 -32.58 -14.76 -5.56
CA ALA A 145 -33.74 -14.06 -6.09
C ALA A 145 -34.05 -12.84 -5.21
N ASP A 146 -35.07 -12.09 -5.63
CA ASP A 146 -35.44 -10.82 -5.09
C ASP A 146 -34.32 -9.75 -4.98
N PHE A 147 -34.03 -9.09 -6.11
CA PHE A 147 -33.07 -8.01 -6.18
C PHE A 147 -33.72 -6.60 -6.00
N GLY A 148 -34.92 -6.54 -5.46
CA GLY A 148 -35.53 -5.28 -5.13
C GLY A 148 -34.87 -4.40 -4.08
N LEU A 149 -34.07 -5.00 -3.23
CA LEU A 149 -33.33 -4.22 -2.25
C LEU A 149 -31.90 -4.06 -2.67
N ALA A 150 -31.60 -4.48 -3.89
CA ALA A 150 -30.19 -4.45 -4.33
C ALA A 150 -29.74 -3.05 -4.72
N ARG A 151 -28.44 -2.85 -4.86
CA ARG A 151 -27.96 -1.61 -5.45
C ARG A 151 -26.62 -1.79 -6.09
N ALA A 152 -26.39 -0.98 -7.12
CA ALA A 152 -25.09 -0.96 -7.81
C ALA A 152 -24.15 -0.14 -6.96
N PHE A 153 -23.00 -0.70 -6.59
CA PHE A 153 -22.03 0.01 -5.75
C PHE A 153 -20.84 0.53 -6.53
N GLY A 154 -20.10 1.42 -5.87
CA GLY A 154 -18.94 2.08 -6.46
C GLY A 154 -17.67 1.63 -5.75
N VAL A 155 -16.55 1.92 -6.38
CA VAL A 155 -15.22 1.63 -5.82
C VAL A 155 -14.50 2.98 -5.67
N PRO A 156 -14.24 3.44 -4.44
CA PRO A 156 -14.74 2.82 -3.20
C PRO A 156 -16.17 3.24 -2.97
N VAL A 157 -16.81 2.61 -1.99
CA VAL A 157 -18.23 2.89 -1.65
C VAL A 157 -18.49 4.27 -1.02
N ARG A 158 -19.69 4.81 -1.22
CA ARG A 158 -20.20 5.93 -0.43
C ARG A 158 -21.12 5.32 0.63
N THR A 159 -21.65 6.17 1.50
CA THR A 159 -22.72 5.78 2.41
C THR A 159 -23.95 5.41 1.58
N TYR A 160 -24.62 4.32 1.97
CA TYR A 160 -25.80 3.81 1.27
C TYR A 160 -26.92 3.73 2.29
N TPO A 161 -28.10 3.28 1.87
CA TPO A 161 -29.28 3.21 2.73
CB TPO A 161 -30.42 2.59 1.92
CG2 TPO A 161 -31.71 2.42 2.74
OG1 TPO A 161 -30.72 3.41 0.78
P TPO A 161 -30.36 2.76 -0.67
O1P TPO A 161 -31.24 1.56 -0.86
O2P TPO A 161 -28.88 2.47 -0.67
O3P TPO A 161 -30.62 3.89 -1.61
C TPO A 161 -28.99 2.39 3.95
O TPO A 161 -28.39 1.31 3.84
N HIS A 162 -29.39 2.88 5.12
CA HIS A 162 -29.12 2.18 6.38
C HIS A 162 -30.10 1.04 6.75
N GLU A 163 -31.37 1.21 6.37
CA GLU A 163 -32.43 0.24 6.65
C GLU A 163 -32.30 -0.93 5.68
N VAL A 164 -31.27 -1.77 5.85
CA VAL A 164 -31.10 -2.87 4.89
C VAL A 164 -30.86 -4.18 5.61
N VAL A 165 -31.22 -5.24 4.90
CA VAL A 165 -31.20 -6.63 5.33
C VAL A 165 -32.22 -6.93 6.41
N THR A 166 -32.98 -7.99 6.23
CA THR A 166 -33.89 -8.51 7.28
C THR A 166 -33.05 -8.83 8.55
N LEU A 167 -33.63 -8.49 9.71
CA LEU A 167 -32.91 -8.44 11.03
C LEU A 167 -32.06 -9.64 11.38
N TRP A 168 -32.62 -10.83 11.25
CA TRP A 168 -31.96 -12.04 11.61
C TRP A 168 -30.71 -12.25 10.80
N TYR A 169 -30.65 -11.70 9.59
CA TYR A 169 -29.52 -11.94 8.67
C TYR A 169 -28.62 -10.71 8.55
N ARG A 170 -28.84 -9.69 9.41
CA ARG A 170 -28.18 -8.39 9.26
C ARG A 170 -26.82 -8.30 9.96
N ALA A 171 -25.84 -7.79 9.24
CA ALA A 171 -24.47 -7.77 9.73
C ALA A 171 -24.25 -6.78 10.86
N PRO A 172 -23.24 -7.03 11.74
CA PRO A 172 -23.03 -6.16 12.87
C PRO A 172 -22.63 -4.74 12.50
N GLU A 173 -21.93 -4.55 11.39
CA GLU A 173 -21.58 -3.17 10.93
C GLU A 173 -22.79 -2.32 10.58
N ILE A 174 -23.89 -2.97 10.19
CA ILE A 174 -25.11 -2.24 9.93
C ILE A 174 -25.76 -1.89 11.26
N LEU A 175 -25.94 -2.89 12.11
CA LEU A 175 -26.57 -2.73 13.43
C LEU A 175 -25.91 -1.66 14.28
N LEU A 176 -24.59 -1.59 14.19
CA LEU A 176 -23.80 -0.63 14.95
C LEU A 176 -23.64 0.70 14.24
N GLY A 177 -24.12 0.81 13.01
CA GLY A 177 -24.25 2.12 12.31
C GLY A 177 -22.99 2.64 11.66
N CYS A 178 -22.16 1.76 11.11
CA CYS A 178 -20.95 2.17 10.42
C CYS A 178 -21.34 3.05 9.25
N LYS A 179 -20.49 4.02 8.94
CA LYS A 179 -20.81 4.97 7.91
C LYS A 179 -20.80 4.26 6.52
N TYR A 180 -19.89 3.33 6.37
CA TYR A 180 -19.73 2.55 5.17
C TYR A 180 -20.02 1.06 5.42
N TYR A 181 -20.62 0.42 4.41
CA TYR A 181 -20.72 -1.03 4.36
C TYR A 181 -20.64 -1.44 2.90
N SER A 182 -20.39 -2.71 2.66
CA SER A 182 -20.20 -3.20 1.32
C SER A 182 -20.46 -4.70 1.23
N THR A 183 -19.75 -5.38 0.36
CA THR A 183 -19.98 -6.81 0.06
C THR A 183 -20.01 -7.72 1.25
N ALA A 184 -19.22 -7.42 2.27
CA ALA A 184 -19.22 -8.21 3.51
C ALA A 184 -20.63 -8.44 4.12
N VAL A 185 -21.57 -7.52 3.95
CA VAL A 185 -22.89 -7.72 4.57
C VAL A 185 -23.63 -8.91 3.95
N ASP A 186 -23.36 -9.16 2.67
CA ASP A 186 -23.91 -10.31 1.97
C ASP A 186 -23.27 -11.61 2.46
N ILE A 187 -21.95 -11.61 2.69
CA ILE A 187 -21.30 -12.75 3.24
C ILE A 187 -21.82 -13.12 4.64
N TRP A 188 -22.05 -12.12 5.48
CA TRP A 188 -22.60 -12.37 6.81
C TRP A 188 -23.90 -13.15 6.72
N SER A 189 -24.75 -12.67 5.81
CA SER A 189 -26.06 -13.26 5.62
C SER A 189 -25.93 -14.71 5.18
N LEU A 190 -25.01 -14.99 4.25
CA LEU A 190 -24.79 -16.36 3.83
C LEU A 190 -24.24 -17.24 4.97
N GLY A 191 -23.44 -16.65 5.85
CA GLY A 191 -22.93 -17.36 7.02
C GLY A 191 -24.05 -17.77 7.95
N CYS A 192 -24.93 -16.83 8.26
CA CYS A 192 -26.15 -17.17 9.02
C CYS A 192 -26.95 -18.31 8.34
N ILE A 193 -27.03 -18.31 7.00
CA ILE A 193 -27.84 -19.28 6.26
C ILE A 193 -27.18 -20.65 6.29
N PHE A 194 -25.87 -20.67 6.10
CA PHE A 194 -25.05 -21.87 6.27
C PHE A 194 -25.32 -22.57 7.61
N ALA A 195 -25.17 -21.84 8.71
CA ALA A 195 -25.40 -22.37 10.03
C ALA A 195 -26.85 -22.82 10.20
N GLU A 196 -27.80 -22.03 9.71
CA GLU A 196 -29.23 -22.39 9.79
C GLU A 196 -29.54 -23.71 9.05
N MET A 197 -28.88 -23.97 7.93
CA MET A 197 -29.06 -25.22 7.23
C MET A 197 -28.58 -26.42 8.10
N VAL A 198 -27.44 -26.25 8.78
CA VAL A 198 -26.84 -27.28 9.59
C VAL A 198 -27.59 -27.59 10.90
N THR A 199 -28.09 -26.57 11.60
CA THR A 199 -28.69 -26.74 12.94
C THR A 199 -30.20 -26.86 12.92
N ARG A 200 -30.80 -26.52 11.78
CA ARG A 200 -32.23 -26.45 11.56
C ARG A 200 -33.01 -25.34 12.27
N ARG A 201 -32.33 -24.26 12.59
CA ARG A 201 -33.01 -23.09 13.14
C ARG A 201 -32.16 -21.87 12.88
N ALA A 202 -32.78 -20.70 12.92
CA ALA A 202 -32.07 -19.46 12.68
C ALA A 202 -30.93 -19.36 13.67
N LEU A 203 -29.76 -18.92 13.21
CA LEU A 203 -28.62 -18.73 14.10
C LEU A 203 -28.84 -17.56 15.10
N PHE A 204 -29.36 -16.43 14.62
CA PHE A 204 -29.53 -15.22 15.44
C PHE A 204 -30.95 -14.62 15.29
N PRO A 205 -31.97 -15.26 15.93
CA PRO A 205 -33.36 -14.83 15.81
C PRO A 205 -33.78 -13.71 16.73
N GLY A 206 -33.19 -12.55 16.55
CA GLY A 206 -33.52 -11.38 17.35
C GLY A 206 -34.91 -10.82 17.13
N ASP A 207 -35.44 -10.14 18.15
CA ASP A 207 -36.72 -9.40 18.02
C ASP A 207 -36.56 -7.87 18.12
N SER A 208 -35.33 -7.39 18.15
CA SER A 208 -34.98 -5.96 18.13
C SER A 208 -33.52 -5.83 17.70
N GLU A 209 -33.09 -4.60 17.42
CA GLU A 209 -31.70 -4.36 17.03
C GLU A 209 -30.75 -4.68 18.19
N ILE A 210 -31.14 -4.31 19.41
CA ILE A 210 -30.32 -4.58 20.59
C ILE A 210 -30.29 -6.11 20.90
N ASP A 211 -31.46 -6.74 20.85
CA ASP A 211 -31.54 -8.20 21.02
C ASP A 211 -30.74 -8.98 19.96
N GLN A 212 -30.79 -8.48 18.71
CA GLN A 212 -30.02 -9.09 17.63
C GLN A 212 -28.54 -8.99 17.96
N LEU A 213 -28.06 -7.81 18.33
CA LEU A 213 -26.63 -7.65 18.66
C LEU A 213 -26.17 -8.60 19.79
N PHE A 214 -27.00 -8.69 20.83
CA PHE A 214 -26.66 -9.49 22.01
C PHE A 214 -26.62 -10.97 21.69
N ARG A 215 -27.52 -11.42 20.83
CA ARG A 215 -27.43 -12.83 20.34
C ARG A 215 -26.16 -13.10 19.55
N ILE A 216 -25.74 -12.15 18.74
CA ILE A 216 -24.47 -12.26 18.00
C ILE A 216 -23.32 -12.29 19.01
N PHE A 217 -23.32 -11.35 19.96
CA PHE A 217 -22.30 -11.26 20.99
C PHE A 217 -22.16 -12.56 21.82
N ARG A 218 -23.30 -13.10 22.26
CA ARG A 218 -23.33 -14.34 23.07
C ARG A 218 -22.73 -15.53 22.39
N THR A 219 -22.81 -15.57 21.07
CA THR A 219 -22.29 -16.69 20.30
C THR A 219 -20.84 -16.48 19.93
N LEU A 220 -20.51 -15.28 19.45
CA LEU A 220 -19.20 -14.99 18.84
C LEU A 220 -18.24 -14.25 19.77
N GLY A 221 -18.78 -13.82 20.92
CA GLY A 221 -18.05 -13.00 21.87
C GLY A 221 -18.33 -11.53 21.57
N THR A 222 -18.45 -10.72 22.61
CA THR A 222 -18.60 -9.30 22.42
C THR A 222 -17.31 -8.76 21.84
N PRO A 223 -17.38 -8.05 20.69
CA PRO A 223 -16.14 -7.61 20.09
C PRO A 223 -15.52 -6.43 20.87
N ASP A 224 -14.19 -6.39 20.87
CA ASP A 224 -13.38 -5.31 21.48
C ASP A 224 -12.41 -4.76 20.42
N GLU A 225 -11.66 -3.75 20.81
CA GLU A 225 -10.72 -3.05 19.93
C GLU A 225 -9.67 -3.94 19.29
N VAL A 226 -9.32 -5.04 19.96
CA VAL A 226 -8.33 -6.01 19.44
C VAL A 226 -8.92 -6.79 18.25
N VAL A 227 -10.10 -7.35 18.43
CA VAL A 227 -10.69 -8.15 17.35
C VAL A 227 -11.28 -7.27 16.23
N TRP A 228 -11.81 -6.10 16.58
CA TRP A 228 -12.40 -5.19 15.60
C TRP A 228 -12.02 -3.73 15.90
N PRO A 229 -10.89 -3.26 15.35
CA PRO A 229 -10.46 -1.86 15.58
C PRO A 229 -11.51 -0.84 15.16
N GLY A 230 -11.80 0.11 16.07
CA GLY A 230 -12.84 1.11 15.87
C GLY A 230 -14.23 0.77 16.42
N VAL A 231 -14.45 -0.49 16.82
CA VAL A 231 -15.78 -0.90 17.24
C VAL A 231 -16.34 -0.14 18.43
N THR A 232 -15.53 0.17 19.45
CA THR A 232 -16.07 0.85 20.66
C THR A 232 -16.41 2.30 20.42
N SER A 233 -15.90 2.86 19.32
CA SER A 233 -16.22 4.22 18.86
C SER A 233 -17.42 4.31 17.89
N MET A 234 -18.03 3.19 17.54
CA MET A 234 -19.09 3.20 16.51
C MET A 234 -20.37 3.86 17.04
N PRO A 235 -21.14 4.48 16.14
CA PRO A 235 -22.31 5.27 16.54
C PRO A 235 -23.27 4.61 17.55
N ASP A 236 -23.62 3.37 17.33
CA ASP A 236 -24.58 2.67 18.18
C ASP A 236 -23.93 1.61 19.08
N TYR A 237 -22.61 1.66 19.23
CA TYR A 237 -21.92 0.90 20.23
C TYR A 237 -22.11 1.59 21.59
N LYS A 238 -22.38 0.79 22.62
CA LYS A 238 -22.58 1.29 23.96
C LYS A 238 -21.59 0.62 24.93
N PRO A 239 -20.85 1.44 25.71
CA PRO A 239 -19.92 0.84 26.69
C PRO A 239 -20.59 -0.10 27.71
N SER A 240 -21.88 0.09 27.99
CA SER A 240 -22.61 -0.85 28.84
C SER A 240 -22.89 -2.25 28.23
N PHE A 241 -22.59 -2.46 26.95
CA PHE A 241 -22.80 -3.76 26.35
C PHE A 241 -22.11 -4.81 27.20
N PRO A 242 -22.82 -5.89 27.55
CA PRO A 242 -22.21 -7.00 28.28
C PRO A 242 -21.04 -7.62 27.52
N LYS A 243 -20.05 -8.10 28.25
CA LYS A 243 -18.88 -8.74 27.67
C LYS A 243 -19.05 -10.26 27.80
N TRP A 244 -19.47 -10.89 26.70
CA TRP A 244 -19.57 -12.35 26.67
C TRP A 244 -18.37 -12.91 25.99
N ALA A 245 -18.06 -14.15 26.36
CA ALA A 245 -16.94 -14.88 25.82
C ALA A 245 -17.46 -15.64 24.63
N ARG A 246 -16.58 -15.81 23.65
CA ARG A 246 -16.84 -16.61 22.49
C ARG A 246 -17.10 -18.08 22.84
N GLN A 247 -18.16 -18.60 22.25
CA GLN A 247 -18.51 -20.02 22.35
C GLN A 247 -17.68 -20.84 21.38
N ASP A 248 -17.35 -22.07 21.79
CA ASP A 248 -16.58 -23.00 20.98
C ASP A 248 -17.50 -23.40 19.83
N PHE A 249 -16.93 -23.36 18.65
CA PHE A 249 -17.70 -23.60 17.46
C PHE A 249 -18.28 -25.02 17.32
N SER A 250 -17.77 -25.99 18.08
CA SER A 250 -18.37 -27.32 18.20
C SER A 250 -19.66 -27.41 19.05
N LYS A 251 -20.03 -26.36 19.78
CA LYS A 251 -21.39 -26.24 20.35
C LYS A 251 -22.30 -25.46 19.41
N VAL A 252 -21.73 -24.48 18.68
CA VAL A 252 -22.50 -23.59 17.78
C VAL A 252 -23.03 -24.40 16.62
N VAL A 253 -22.11 -25.08 15.93
CA VAL A 253 -22.46 -25.94 14.81
C VAL A 253 -21.90 -27.42 14.98
N PRO A 254 -22.54 -28.23 15.86
CA PRO A 254 -21.99 -29.56 16.20
C PRO A 254 -21.74 -30.50 15.03
N PRO A 255 -22.65 -30.57 14.02
CA PRO A 255 -22.41 -31.53 12.91
C PRO A 255 -21.23 -31.24 11.94
N LEU A 256 -20.57 -30.11 12.05
CA LEU A 256 -19.64 -29.68 11.01
C LEU A 256 -18.20 -30.18 11.30
N ASP A 257 -17.45 -30.52 10.28
CA ASP A 257 -16.03 -30.89 10.47
C ASP A 257 -15.15 -29.63 10.68
N GLU A 258 -13.84 -29.79 10.74
CA GLU A 258 -12.92 -28.67 10.95
C GLU A 258 -13.03 -27.62 9.84
N ASP A 259 -13.05 -28.08 8.59
CA ASP A 259 -13.16 -27.21 7.44
C ASP A 259 -14.47 -26.38 7.48
N GLY A 260 -15.57 -27.01 7.85
CA GLY A 260 -16.87 -26.35 7.93
C GLY A 260 -16.86 -25.23 8.96
N ARG A 261 -16.29 -25.51 10.12
CA ARG A 261 -16.28 -24.61 11.24
C ARG A 261 -15.41 -23.40 10.90
N SER A 262 -14.30 -23.69 10.27
CA SER A 262 -13.35 -22.68 9.85
C SER A 262 -13.97 -21.72 8.82
N LEU A 263 -14.70 -22.25 7.82
CA LEU A 263 -15.34 -21.43 6.82
C LEU A 263 -16.44 -20.55 7.47
N LEU A 264 -17.29 -21.11 8.31
CA LEU A 264 -18.33 -20.33 9.03
C LEU A 264 -17.74 -19.20 9.86
N SER A 265 -16.66 -19.50 10.59
CA SER A 265 -16.06 -18.46 11.43
C SER A 265 -15.53 -17.31 10.59
N GLN A 266 -14.96 -17.62 9.43
CA GLN A 266 -14.48 -16.61 8.48
C GLN A 266 -15.62 -15.77 7.80
N MET A 267 -16.77 -16.40 7.60
CA MET A 267 -17.94 -15.72 7.10
C MET A 267 -18.59 -14.84 8.16
N LEU A 268 -18.42 -15.17 9.43
CA LEU A 268 -18.97 -14.36 10.55
C LEU A 268 -17.90 -13.59 11.32
N HIS A 269 -16.77 -13.33 10.67
CA HIS A 269 -15.73 -12.48 11.20
C HIS A 269 -16.29 -11.08 11.45
N TYR A 270 -15.98 -10.48 12.58
CA TYR A 270 -16.58 -9.21 12.97
C TYR A 270 -16.12 -8.05 12.08
N ASP A 271 -14.80 -7.91 11.89
CA ASP A 271 -14.24 -6.81 11.09
C ASP A 271 -14.58 -7.07 9.62
N PRO A 272 -15.42 -6.21 9.00
CA PRO A 272 -15.80 -6.47 7.60
C PRO A 272 -14.62 -6.53 6.63
N ASN A 273 -13.53 -5.82 6.94
CA ASN A 273 -12.32 -5.90 6.13
C ASN A 273 -11.63 -7.25 6.09
N LYS A 274 -11.78 -8.02 7.16
CA LYS A 274 -11.14 -9.33 7.24
C LYS A 274 -12.14 -10.47 6.99
N ARG A 275 -13.41 -10.14 6.75
CA ARG A 275 -14.41 -11.18 6.53
C ARG A 275 -14.13 -11.71 5.14
N ILE A 276 -14.29 -13.02 4.98
CA ILE A 276 -13.92 -13.67 3.73
C ILE A 276 -14.79 -13.16 2.59
N SER A 277 -14.19 -13.04 1.40
CA SER A 277 -14.93 -12.74 0.17
C SER A 277 -15.64 -13.98 -0.39
N ALA A 278 -16.66 -13.74 -1.20
CA ALA A 278 -17.32 -14.81 -1.90
C ALA A 278 -16.32 -15.61 -2.73
N LYS A 279 -15.43 -14.90 -3.39
CA LYS A 279 -14.41 -15.53 -4.23
C LYS A 279 -13.45 -16.42 -3.43
N ALA A 280 -12.91 -15.91 -2.34
CA ALA A 280 -12.01 -16.71 -1.49
C ALA A 280 -12.74 -17.84 -0.78
N ALA A 281 -14.01 -17.66 -0.48
CA ALA A 281 -14.79 -18.69 0.16
C ALA A 281 -14.93 -19.93 -0.76
N LEU A 282 -15.03 -19.71 -2.07
CA LEU A 282 -15.11 -20.80 -3.04
C LEU A 282 -13.86 -21.65 -3.13
N ALA A 283 -12.72 -21.06 -2.76
CA ALA A 283 -11.43 -21.75 -2.73
C ALA A 283 -11.13 -22.34 -1.36
N HIS A 284 -12.08 -22.28 -0.42
CA HIS A 284 -11.86 -22.88 0.90
C HIS A 284 -11.83 -24.42 0.79
N PRO A 285 -10.93 -25.08 1.54
CA PRO A 285 -10.87 -26.56 1.64
C PRO A 285 -12.21 -27.26 1.89
N PHE A 286 -13.13 -26.63 2.59
CA PHE A 286 -14.50 -27.16 2.74
C PHE A 286 -15.12 -27.61 1.42
N PHE A 287 -14.76 -26.95 0.33
CA PHE A 287 -15.35 -27.28 -0.96
C PHE A 287 -14.57 -28.25 -1.85
N GLN A 288 -13.44 -28.79 -1.36
CA GLN A 288 -12.60 -29.64 -2.22
C GLN A 288 -13.33 -30.89 -2.71
N ASP A 289 -14.28 -31.41 -1.93
CA ASP A 289 -15.12 -32.53 -2.41
C ASP A 289 -16.58 -32.20 -2.81
N VAL A 290 -16.89 -30.94 -3.17
CA VAL A 290 -18.31 -30.56 -3.50
C VAL A 290 -18.81 -31.31 -4.75
N THR A 291 -20.10 -31.62 -4.85
CA THR A 291 -20.65 -32.32 -6.06
C THR A 291 -21.76 -31.57 -6.80
N PRO B 2 -10.62 -5.63 -3.46
CA PRO B 2 -9.32 -6.19 -3.83
C PRO B 2 -9.47 -7.43 -4.73
N ASP B 3 -10.23 -8.42 -4.25
CA ASP B 3 -10.56 -9.65 -5.05
C ASP B 3 -11.22 -9.25 -6.37
N TYR B 4 -12.32 -8.53 -6.20
CA TYR B 4 -13.30 -8.23 -7.21
C TYR B 4 -13.18 -6.77 -7.68
N HIS B 5 -12.27 -5.96 -7.11
CA HIS B 5 -11.99 -4.59 -7.59
C HIS B 5 -11.46 -4.60 -9.01
N GLU B 6 -10.46 -5.44 -9.27
CA GLU B 6 -10.03 -5.70 -10.63
C GLU B 6 -11.21 -6.14 -11.54
N ASP B 7 -12.02 -7.10 -11.09
CA ASP B 7 -13.15 -7.57 -11.90
C ASP B 7 -14.17 -6.49 -12.21
N ILE B 8 -14.42 -5.61 -11.26
CA ILE B 8 -15.38 -4.52 -11.44
C ILE B 8 -14.88 -3.60 -12.54
N HIS B 9 -13.60 -3.26 -12.46
CA HIS B 9 -12.99 -2.43 -13.44
C HIS B 9 -13.11 -3.05 -14.80
N THR B 10 -12.74 -4.34 -14.91
CA THR B 10 -12.88 -5.09 -16.18
C THR B 10 -14.31 -5.04 -16.69
N TYR B 11 -15.26 -5.29 -15.81
CA TYR B 11 -16.64 -5.33 -16.20
C TYR B 11 -17.15 -3.93 -16.67
N LEU B 12 -16.79 -2.87 -15.96
CA LEU B 12 -17.20 -1.51 -16.37
C LEU B 12 -16.59 -1.12 -17.73
N ARG B 13 -15.36 -1.58 -18.00
CA ARG B 13 -14.71 -1.29 -19.30
C ARG B 13 -15.46 -1.93 -20.43
N GLU B 14 -16.07 -3.06 -20.15
CA GLU B 14 -16.88 -3.76 -21.13
C GLU B 14 -18.26 -3.09 -21.33
N MET B 15 -18.93 -2.70 -20.24
CA MET B 15 -20.24 -2.03 -20.36
C MET B 15 -20.22 -0.61 -20.95
N GLU B 16 -19.10 0.11 -20.83
CA GLU B 16 -19.02 1.49 -21.32
C GLU B 16 -19.04 1.50 -22.83
N VAL B 17 -18.52 0.45 -23.45
CA VAL B 17 -18.67 0.30 -24.90
C VAL B 17 -20.15 0.08 -25.27
N LYS B 18 -20.84 -0.79 -24.53
CA LYS B 18 -22.24 -1.15 -24.84
C LYS B 18 -23.26 -0.07 -24.52
N CYS B 19 -23.05 0.71 -23.45
CA CYS B 19 -23.94 1.83 -23.04
C CYS B 19 -23.50 3.20 -23.69
N LYS B 20 -22.64 3.15 -24.71
CA LYS B 20 -22.29 4.34 -25.54
C LYS B 20 -23.44 4.80 -26.46
N PRO B 21 -23.70 6.12 -26.51
CA PRO B 21 -24.65 6.64 -27.51
C PRO B 21 -24.01 6.77 -28.90
N LYS B 22 -24.86 6.82 -29.94
CA LYS B 22 -24.42 7.00 -31.34
C LYS B 22 -23.75 8.37 -31.49
N VAL B 23 -22.50 8.40 -31.99
CA VAL B 23 -21.64 9.61 -31.83
C VAL B 23 -22.18 10.88 -32.53
N GLY B 24 -22.78 10.68 -33.70
CA GLY B 24 -23.27 11.80 -34.51
C GLY B 24 -24.75 12.06 -34.48
N TYR B 25 -25.42 11.71 -33.38
CA TYR B 25 -26.88 11.70 -33.37
C TYR B 25 -27.53 13.06 -33.60
N MET B 26 -26.80 14.15 -33.31
CA MET B 26 -27.40 15.47 -33.29
C MET B 26 -27.64 16.02 -34.73
N LYS B 27 -26.69 15.73 -35.63
CA LYS B 27 -26.88 15.89 -37.09
C LYS B 27 -28.25 15.36 -37.54
N LYS B 28 -28.65 14.19 -37.03
CA LYS B 28 -29.94 13.55 -37.37
C LYS B 28 -31.17 14.02 -36.62
N GLN B 29 -30.99 14.93 -35.66
CA GLN B 29 -32.13 15.57 -34.98
C GLN B 29 -32.56 16.85 -35.74
N PRO B 30 -33.77 16.86 -36.31
CA PRO B 30 -34.21 18.03 -37.07
C PRO B 30 -34.37 19.35 -36.31
N ASP B 31 -34.83 19.33 -35.05
CA ASP B 31 -35.21 20.57 -34.35
C ASP B 31 -34.31 20.99 -33.18
N ILE B 32 -33.27 20.19 -32.85
CA ILE B 32 -32.43 20.45 -31.67
C ILE B 32 -30.96 20.33 -32.00
N THR B 33 -30.12 20.96 -31.17
CA THR B 33 -28.69 21.16 -31.46
C THR B 33 -27.86 20.85 -30.22
N ASN B 34 -26.56 20.73 -30.42
CA ASN B 34 -25.57 20.73 -29.36
C ASN B 34 -25.67 21.87 -28.38
N SER B 35 -26.03 23.02 -28.89
CA SER B 35 -26.17 24.22 -28.05
C SER B 35 -27.34 24.10 -27.08
N MET B 36 -28.45 23.57 -27.54
CA MET B 36 -29.61 23.38 -26.67
C MET B 36 -29.30 22.24 -25.66
N ARG B 37 -28.59 21.20 -26.09
CA ARG B 37 -28.14 20.12 -25.19
C ARG B 37 -27.29 20.68 -24.04
N ALA B 38 -26.30 21.52 -24.38
CA ALA B 38 -25.48 22.22 -23.40
C ALA B 38 -26.27 23.06 -22.38
N ILE B 39 -27.32 23.70 -22.83
CA ILE B 39 -28.16 24.49 -21.96
C ILE B 39 -28.88 23.56 -20.97
N LEU B 40 -29.44 22.48 -21.49
CA LEU B 40 -30.12 21.48 -20.69
C LEU B 40 -29.17 20.86 -19.64
N VAL B 41 -27.99 20.40 -20.03
CA VAL B 41 -27.07 19.80 -19.07
C VAL B 41 -26.67 20.79 -17.95
N ASP B 42 -26.30 22.01 -18.33
CA ASP B 42 -25.96 23.07 -17.40
C ASP B 42 -27.12 23.33 -16.44
N TRP B 43 -28.33 23.28 -16.93
CA TRP B 43 -29.50 23.39 -16.04
C TRP B 43 -29.60 22.19 -15.07
N LEU B 44 -29.30 20.98 -15.56
CA LEU B 44 -29.28 19.80 -14.67
C LEU B 44 -28.24 19.90 -13.55
N VAL B 45 -27.11 20.55 -13.82
CA VAL B 45 -26.14 20.83 -12.78
C VAL B 45 -26.74 21.63 -11.63
N GLU B 46 -27.53 22.65 -11.99
CA GLU B 46 -28.19 23.53 -11.03
C GLU B 46 -29.24 22.78 -10.26
N VAL B 47 -29.97 21.91 -10.95
CA VAL B 47 -30.98 21.06 -10.26
C VAL B 47 -30.27 20.14 -9.27
N GLY B 48 -29.19 19.51 -9.68
CA GLY B 48 -28.37 18.73 -8.78
C GLY B 48 -27.93 19.52 -7.55
N GLU B 49 -27.55 20.79 -7.74
CA GLU B 49 -27.15 21.70 -6.63
C GLU B 49 -28.31 22.10 -5.72
N GLU B 50 -29.42 22.51 -6.33
CA GLU B 50 -30.62 22.82 -5.57
C GLU B 50 -31.10 21.65 -4.68
N TYR B 51 -31.02 20.39 -5.15
CA TYR B 51 -31.51 19.24 -4.39
C TYR B 51 -30.38 18.42 -3.74
N LYS B 52 -29.16 18.91 -3.83
CA LYS B 52 -27.98 18.27 -3.19
C LYS B 52 -27.84 16.83 -3.61
N LEU B 53 -28.07 16.60 -4.89
CA LEU B 53 -27.95 15.29 -5.48
C LEU B 53 -26.47 15.02 -5.71
N GLN B 54 -26.11 13.76 -5.82
CA GLN B 54 -24.75 13.33 -6.08
C GLN B 54 -24.34 13.70 -7.50
N ASN B 55 -23.04 13.84 -7.70
CA ASN B 55 -22.51 14.00 -9.02
C ASN B 55 -22.76 12.78 -9.91
N GLU B 56 -22.76 11.58 -9.35
CA GLU B 56 -23.05 10.36 -10.12
C GLU B 56 -24.45 10.45 -10.75
N THR B 57 -25.41 10.98 -10.01
CA THR B 57 -26.75 11.12 -10.52
C THR B 57 -26.79 11.98 -11.77
N LEU B 58 -26.08 13.10 -11.75
CA LEU B 58 -25.99 14.00 -12.89
C LEU B 58 -25.36 13.29 -14.07
N HIS B 59 -24.24 12.61 -13.84
CA HIS B 59 -23.59 11.86 -14.91
C HIS B 59 -24.52 10.78 -15.50
N LEU B 60 -25.30 10.09 -14.67
CA LEU B 60 -26.21 9.08 -15.18
C LEU B 60 -27.32 9.72 -16.00
N ALA B 61 -27.84 10.85 -15.55
CA ALA B 61 -28.86 11.54 -16.31
C ALA B 61 -28.38 11.89 -17.73
N VAL B 62 -27.16 12.39 -17.84
CA VAL B 62 -26.64 12.80 -19.13
C VAL B 62 -26.52 11.56 -20.05
N ASN B 63 -26.00 10.44 -19.52
CA ASN B 63 -25.99 9.18 -20.27
C ASN B 63 -27.39 8.84 -20.80
N TYR B 64 -28.41 8.91 -19.94
CA TYR B 64 -29.73 8.51 -20.35
C TYR B 64 -30.25 9.41 -21.48
N ILE B 65 -29.98 10.72 -21.38
CA ILE B 65 -30.48 11.69 -22.33
C ILE B 65 -29.86 11.43 -23.71
N ASP B 66 -28.54 11.30 -23.76
CA ASP B 66 -27.88 11.10 -25.02
C ASP B 66 -28.33 9.79 -25.69
N ARG B 67 -28.58 8.75 -24.88
CA ARG B 67 -29.01 7.46 -25.41
C ARG B 67 -30.40 7.57 -26.00
N PHE B 68 -31.26 8.27 -25.28
CA PHE B 68 -32.65 8.47 -25.74
C PHE B 68 -32.68 9.28 -27.07
N LEU B 69 -31.92 10.38 -27.12
CA LEU B 69 -31.85 11.22 -28.30
C LEU B 69 -31.12 10.55 -29.48
N SER B 70 -30.35 9.49 -29.21
CA SER B 70 -29.79 8.64 -30.26
C SER B 70 -30.83 7.87 -31.06
N SER B 71 -32.02 7.67 -30.51
CA SER B 71 -33.05 6.93 -31.24
C SER B 71 -34.42 7.61 -31.37
N MET B 72 -34.62 8.76 -30.73
CA MET B 72 -35.93 9.44 -30.73
C MET B 72 -35.82 10.92 -31.11
N SER B 73 -36.74 11.33 -31.98
CA SER B 73 -36.82 12.71 -32.43
C SER B 73 -37.60 13.50 -31.43
N VAL B 74 -37.03 14.63 -31.01
CA VAL B 74 -37.65 15.49 -30.00
C VAL B 74 -37.67 16.92 -30.50
N LEU B 75 -38.82 17.58 -30.36
CA LEU B 75 -38.89 19.01 -30.59
C LEU B 75 -38.28 19.77 -29.42
N ARG B 76 -37.78 20.97 -29.70
CA ARG B 76 -37.04 21.77 -28.72
C ARG B 76 -37.84 22.04 -27.44
N GLY B 77 -39.14 22.25 -27.57
CA GLY B 77 -39.99 22.52 -26.41
C GLY B 77 -40.30 21.30 -25.54
N LYS B 78 -39.86 20.13 -25.99
CA LYS B 78 -39.96 18.91 -25.23
C LYS B 78 -38.58 18.42 -24.72
N LEU B 79 -37.49 19.07 -25.11
CA LEU B 79 -36.17 18.58 -24.70
C LEU B 79 -35.97 18.61 -23.14
N GLN B 80 -36.46 19.65 -22.49
CA GLN B 80 -36.40 19.75 -21.06
C GLN B 80 -37.21 18.68 -20.36
N LEU B 81 -38.31 18.24 -20.96
CA LEU B 81 -39.14 17.17 -20.41
C LEU B 81 -38.36 15.84 -20.39
N VAL B 82 -37.60 15.59 -21.44
CA VAL B 82 -36.74 14.42 -21.50
C VAL B 82 -35.70 14.50 -20.34
N GLY B 83 -35.12 15.67 -20.15
CA GLY B 83 -34.05 15.85 -19.18
C GLY B 83 -34.54 15.68 -17.76
N THR B 84 -35.72 16.21 -17.48
CA THR B 84 -36.38 16.05 -16.22
C THR B 84 -36.67 14.60 -15.88
N ALA B 85 -37.27 13.86 -16.81
CA ALA B 85 -37.54 12.46 -16.59
C ALA B 85 -36.25 11.69 -16.38
N ALA B 86 -35.23 12.01 -17.14
CA ALA B 86 -33.93 11.36 -16.98
C ALA B 86 -33.32 11.59 -15.59
N MET B 87 -33.46 12.79 -15.06
CA MET B 87 -32.88 13.14 -13.77
C MET B 87 -33.68 12.46 -12.68
N LEU B 88 -34.98 12.38 -12.84
CA LEU B 88 -35.81 11.63 -11.93
C LEU B 88 -35.41 10.14 -11.90
N LEU B 89 -35.19 9.56 -13.07
CA LEU B 89 -34.86 8.15 -13.14
C LEU B 89 -33.51 7.88 -12.50
N ALA B 90 -32.54 8.74 -12.80
CA ALA B 90 -31.20 8.61 -12.27
C ALA B 90 -31.19 8.77 -10.74
N SER B 91 -32.00 9.70 -10.23
CA SER B 91 -32.19 9.88 -8.79
C SER B 91 -32.73 8.61 -8.14
N LYS B 92 -33.75 7.99 -8.74
CA LYS B 92 -34.31 6.75 -8.20
C LYS B 92 -33.25 5.64 -8.17
N PHE B 93 -32.45 5.57 -9.21
CA PHE B 93 -31.45 4.53 -9.28
C PHE B 93 -30.41 4.74 -8.18
N GLU B 94 -29.95 5.98 -8.06
CA GLU B 94 -28.68 6.27 -7.42
C GLU B 94 -28.78 6.84 -5.99
N GLU B 95 -29.85 7.58 -5.69
CA GLU B 95 -29.95 8.32 -4.45
C GLU B 95 -30.64 7.55 -3.34
N ILE B 96 -30.25 7.86 -2.10
CA ILE B 96 -30.92 7.32 -0.93
C ILE B 96 -32.30 7.96 -0.81
N TYR B 97 -32.37 9.28 -1.01
CA TYR B 97 -33.63 10.02 -0.89
C TYR B 97 -33.92 10.80 -2.17
N PRO B 98 -34.52 10.12 -3.19
CA PRO B 98 -34.77 10.86 -4.44
C PRO B 98 -35.81 11.96 -4.24
N PRO B 99 -35.65 13.10 -4.93
CA PRO B 99 -36.70 14.11 -4.77
C PRO B 99 -37.96 13.58 -5.35
N GLU B 100 -39.07 14.07 -4.84
CA GLU B 100 -40.36 13.63 -5.31
C GLU B 100 -40.68 14.35 -6.65
N VAL B 101 -41.64 13.78 -7.38
CA VAL B 101 -41.94 14.21 -8.72
C VAL B 101 -42.44 15.66 -8.71
N ALA B 102 -43.24 16.01 -7.72
CA ALA B 102 -43.73 17.36 -7.59
C ALA B 102 -42.60 18.39 -7.46
N GLU B 103 -41.47 18.03 -6.87
CA GLU B 103 -40.37 18.96 -6.78
C GLU B 103 -39.69 19.12 -8.14
N PHE B 104 -39.64 18.05 -8.90
CA PHE B 104 -39.11 18.10 -10.25
C PHE B 104 -40.02 18.98 -11.15
N VAL B 105 -41.34 18.87 -11.02
CA VAL B 105 -42.27 19.74 -11.75
C VAL B 105 -41.99 21.18 -11.40
N TYR B 106 -41.76 21.44 -10.11
CA TYR B 106 -41.50 22.79 -9.60
C TYR B 106 -40.26 23.42 -10.17
N ILE B 107 -39.16 22.70 -10.26
CA ILE B 107 -37.96 23.32 -10.88
C ILE B 107 -38.05 23.53 -12.38
N THR B 108 -39.02 22.91 -13.07
CA THR B 108 -39.28 23.30 -14.48
C THR B 108 -40.09 24.61 -14.55
N ASP B 109 -40.48 25.14 -13.39
CA ASP B 109 -41.35 26.30 -13.28
C ASP B 109 -42.69 26.03 -13.98
N ASP B 110 -43.28 24.89 -13.67
CA ASP B 110 -44.53 24.45 -14.31
C ASP B 110 -44.53 24.46 -15.86
N THR B 111 -43.36 24.34 -16.51
CA THR B 111 -43.32 24.10 -17.95
C THR B 111 -44.07 22.79 -18.32
N TYR B 112 -43.98 21.77 -17.45
CA TYR B 112 -44.70 20.51 -17.61
C TYR B 112 -45.51 20.13 -16.40
N THR B 113 -46.40 19.17 -16.61
CA THR B 113 -47.23 18.65 -15.53
C THR B 113 -46.59 17.38 -14.99
N LYS B 114 -47.01 16.98 -13.80
CA LYS B 114 -46.66 15.71 -13.20
C LYS B 114 -46.95 14.53 -14.15
N LYS B 115 -48.14 14.55 -14.74
CA LYS B 115 -48.57 13.54 -15.68
C LYS B 115 -47.58 13.41 -16.87
N GLN B 116 -47.14 14.55 -17.40
CA GLN B 116 -46.21 14.54 -18.51
C GLN B 116 -44.87 13.93 -18.11
N VAL B 117 -44.38 14.30 -16.93
CA VAL B 117 -43.08 13.80 -16.43
C VAL B 117 -43.13 12.28 -16.24
N LEU B 118 -44.20 11.80 -15.64
CA LEU B 118 -44.39 10.37 -15.42
C LEU B 118 -44.57 9.56 -16.71
N ARG B 119 -45.36 10.07 -17.67
CA ARG B 119 -45.44 9.43 -19.01
C ARG B 119 -44.10 9.44 -19.74
N MET B 120 -43.35 10.53 -19.67
CA MET B 120 -42.00 10.53 -20.23
C MET B 120 -41.07 9.57 -19.48
N GLU B 121 -41.27 9.40 -18.19
CA GLU B 121 -40.46 8.44 -17.45
C GLU B 121 -40.70 7.06 -18.03
N HIS B 122 -41.98 6.73 -18.26
CA HIS B 122 -42.32 5.44 -18.90
C HIS B 122 -41.67 5.31 -20.28
N LEU B 123 -41.70 6.35 -21.09
CA LEU B 123 -41.18 6.31 -22.45
C LEU B 123 -39.64 6.16 -22.48
N VAL B 124 -38.94 6.86 -21.58
CA VAL B 124 -37.48 6.75 -21.49
C VAL B 124 -37.07 5.34 -21.09
N LEU B 125 -37.81 4.76 -20.14
CA LEU B 125 -37.58 3.37 -19.68
C LEU B 125 -37.80 2.39 -20.83
N LYS B 126 -38.90 2.54 -21.54
CA LYS B 126 -39.16 1.77 -22.78
C LYS B 126 -38.02 1.89 -23.78
N VAL B 127 -37.62 3.12 -24.15
CA VAL B 127 -36.58 3.31 -25.17
C VAL B 127 -35.23 2.81 -24.76
N LEU B 128 -34.87 2.92 -23.45
CA LEU B 128 -33.60 2.42 -22.97
C LEU B 128 -33.70 0.96 -22.51
N THR B 129 -34.88 0.34 -22.65
CA THR B 129 -35.15 -1.04 -22.24
C THR B 129 -34.68 -1.28 -20.79
N PHE B 130 -34.95 -0.32 -19.91
CA PHE B 130 -34.58 -0.34 -18.49
C PHE B 130 -33.10 -0.52 -18.23
N ASP B 131 -32.22 -0.26 -19.20
CA ASP B 131 -30.79 -0.44 -18.95
C ASP B 131 -30.23 0.84 -18.37
N LEU B 132 -30.40 0.99 -17.07
CA LEU B 132 -29.95 2.21 -16.37
C LEU B 132 -28.62 2.13 -15.62
N ALA B 133 -28.05 0.94 -15.46
CA ALA B 133 -26.82 0.80 -14.71
C ALA B 133 -25.64 1.09 -15.59
N ALA B 134 -25.49 2.35 -16.03
CA ALA B 134 -24.44 2.71 -17.00
C ALA B 134 -23.18 3.14 -16.33
N PRO B 135 -22.02 2.75 -16.91
CA PRO B 135 -20.78 3.36 -16.44
C PRO B 135 -20.71 4.88 -16.72
N THR B 136 -20.08 5.63 -15.84
CA THR B 136 -19.90 7.08 -15.97
C THR B 136 -18.45 7.43 -15.72
N VAL B 137 -18.09 8.66 -16.07
CA VAL B 137 -16.75 9.23 -15.83
C VAL B 137 -16.42 9.17 -14.33
N ASN B 138 -17.42 9.50 -13.53
CA ASN B 138 -17.30 9.48 -12.08
C ASN B 138 -16.94 8.08 -11.55
N GLN B 139 -17.57 7.02 -12.06
CA GLN B 139 -17.24 5.70 -11.56
C GLN B 139 -15.77 5.36 -11.82
N PHE B 140 -15.21 5.83 -12.93
CA PHE B 140 -13.79 5.56 -13.22
C PHE B 140 -12.84 6.45 -12.41
N LEU B 141 -13.24 7.70 -12.20
CA LEU B 141 -12.47 8.64 -11.40
C LEU B 141 -12.22 8.13 -10.00
N THR B 142 -13.27 7.67 -9.30
CA THR B 142 -13.12 7.26 -7.90
C THR B 142 -12.16 6.10 -7.81
N GLN B 143 -12.16 5.22 -8.82
CA GLN B 143 -11.14 4.15 -8.87
C GLN B 143 -9.76 4.68 -9.14
N TYR B 144 -9.63 5.61 -10.09
CA TYR B 144 -8.32 6.17 -10.37
C TYR B 144 -7.71 6.90 -9.18
N PHE B 145 -8.56 7.53 -8.37
CA PHE B 145 -8.14 8.25 -7.16
C PHE B 145 -7.41 7.40 -6.11
N LEU B 146 -7.76 6.11 -6.02
CA LEU B 146 -7.08 5.16 -5.10
C LEU B 146 -5.56 4.99 -5.37
N HIS B 147 -5.12 5.38 -6.57
CA HIS B 147 -3.71 5.27 -6.96
C HIS B 147 -2.89 6.57 -6.67
N GLN B 148 -3.40 7.41 -5.78
CA GLN B 148 -2.69 8.54 -5.20
C GLN B 148 -2.91 8.41 -3.69
N GLN B 149 -1.85 8.16 -2.93
CA GLN B 149 -1.96 7.94 -1.48
C GLN B 149 -0.95 8.81 -0.74
N PRO B 150 -1.35 9.55 0.31
CA PRO B 150 -2.74 9.76 0.67
C PRO B 150 -3.45 10.65 -0.37
N ALA B 151 -4.77 10.53 -0.41
CA ALA B 151 -5.62 11.27 -1.34
C ALA B 151 -5.33 12.78 -1.26
N ASN B 152 -5.25 13.43 -2.41
CA ASN B 152 -5.12 14.88 -2.50
C ASN B 152 -6.49 15.42 -2.88
N CYS B 153 -7.16 16.08 -1.94
CA CYS B 153 -8.57 16.43 -2.10
C CYS B 153 -8.76 17.52 -3.20
N LYS B 154 -7.74 18.38 -3.39
CA LYS B 154 -7.72 19.38 -4.45
C LYS B 154 -7.69 18.72 -5.84
N VAL B 155 -6.80 17.75 -6.02
CA VAL B 155 -6.73 16.98 -7.27
C VAL B 155 -8.07 16.34 -7.56
N GLU B 156 -8.66 15.75 -6.53
CA GLU B 156 -9.93 15.01 -6.72
C GLU B 156 -11.04 15.96 -7.15
N SER B 157 -11.17 17.09 -6.47
CA SER B 157 -12.19 18.08 -6.84
C SER B 157 -11.94 18.62 -8.25
N LEU B 158 -10.68 18.98 -8.56
CA LEU B 158 -10.39 19.48 -9.91
C LEU B 158 -10.68 18.45 -11.00
N ALA B 159 -10.36 17.19 -10.74
CA ALA B 159 -10.64 16.13 -11.71
C ALA B 159 -12.13 15.98 -11.91
N MET B 160 -12.87 16.09 -10.83
CA MET B 160 -14.32 15.99 -10.92
C MET B 160 -14.90 17.16 -11.75
N PHE B 161 -14.40 18.36 -11.49
CA PHE B 161 -14.75 19.57 -12.23
C PHE B 161 -14.53 19.38 -13.74
N LEU B 162 -13.34 18.93 -14.12
CA LEU B 162 -13.04 18.73 -15.53
C LEU B 162 -13.92 17.66 -16.17
N GLY B 163 -14.17 16.58 -15.44
CA GLY B 163 -15.05 15.54 -15.91
C GLY B 163 -16.46 16.05 -16.07
N GLU B 164 -16.84 16.97 -15.20
CA GLU B 164 -18.21 17.55 -15.26
C GLU B 164 -18.38 18.48 -16.49
N LEU B 165 -17.34 19.27 -16.79
CA LEU B 165 -17.37 20.15 -17.92
C LEU B 165 -17.54 19.36 -19.22
N SER B 166 -16.93 18.19 -19.31
CA SER B 166 -17.03 17.35 -20.50
C SER B 166 -18.46 16.95 -20.84
N LEU B 167 -19.33 16.90 -19.84
CA LEU B 167 -20.74 16.58 -20.06
C LEU B 167 -21.46 17.64 -20.90
N ILE B 168 -20.95 18.88 -20.85
CA ILE B 168 -21.63 20.06 -21.40
C ILE B 168 -21.58 20.07 -22.92
N ASP B 169 -20.42 19.69 -23.49
CA ASP B 169 -20.17 19.80 -24.93
C ASP B 169 -20.08 18.44 -25.65
N ALA B 170 -21.21 18.05 -26.26
CA ALA B 170 -21.27 16.86 -27.12
C ALA B 170 -20.12 16.73 -28.15
N ASP B 171 -19.77 17.85 -28.76
CA ASP B 171 -18.62 17.96 -29.64
C ASP B 171 -17.59 18.67 -28.77
N PRO B 172 -16.49 18.03 -28.37
CA PRO B 172 -16.02 16.74 -28.88
C PRO B 172 -16.23 15.51 -27.98
N TYR B 173 -16.82 15.65 -26.79
CA TYR B 173 -16.70 14.59 -25.75
C TYR B 173 -17.50 13.32 -25.94
N LEU B 174 -18.58 13.37 -26.70
CA LEU B 174 -19.26 12.13 -27.11
C LEU B 174 -18.42 11.09 -27.88
N LYS B 175 -17.29 11.47 -28.46
CA LYS B 175 -16.49 10.50 -29.19
C LYS B 175 -15.46 9.77 -28.28
N TYR B 176 -15.30 10.23 -27.04
CA TYR B 176 -14.47 9.54 -26.06
C TYR B 176 -15.30 8.67 -25.12
N LEU B 177 -14.71 7.59 -24.66
CA LEU B 177 -15.35 6.72 -23.66
C LEU B 177 -15.16 7.30 -22.24
N PRO B 178 -16.06 6.98 -21.31
CA PRO B 178 -15.91 7.54 -19.97
C PRO B 178 -14.58 7.26 -19.30
N SER B 179 -14.02 6.07 -19.49
CA SER B 179 -12.77 5.69 -18.86
C SER B 179 -11.62 6.57 -19.33
N VAL B 180 -11.69 7.00 -20.59
CA VAL B 180 -10.67 7.85 -21.24
C VAL B 180 -10.77 9.33 -20.81
N ILE B 181 -11.99 9.85 -20.79
CA ILE B 181 -12.25 11.17 -20.26
C ILE B 181 -11.77 11.24 -18.83
N ALA B 182 -12.09 10.23 -18.04
CA ALA B 182 -11.63 10.17 -16.64
C ALA B 182 -10.13 10.15 -16.53
N GLY B 183 -9.49 9.44 -17.42
CA GLY B 183 -8.04 9.38 -17.39
C GLY B 183 -7.41 10.73 -17.70
N ALA B 184 -7.96 11.39 -18.71
CA ALA B 184 -7.52 12.74 -19.11
C ALA B 184 -7.73 13.70 -17.98
N ALA B 185 -8.92 13.65 -17.40
CA ALA B 185 -9.29 14.50 -16.26
C ALA B 185 -8.36 14.35 -15.08
N PHE B 186 -7.97 13.11 -14.80
CA PHE B 186 -7.15 12.82 -13.64
C PHE B 186 -5.71 13.22 -13.85
N HIS B 187 -5.16 12.94 -15.03
CA HIS B 187 -3.83 13.44 -15.38
C HIS B 187 -3.78 14.93 -15.34
N LEU B 188 -4.72 15.58 -16.01
CA LEU B 188 -4.78 17.04 -16.01
C LEU B 188 -4.89 17.62 -14.60
N ALA B 189 -5.74 17.04 -13.76
CA ALA B 189 -5.85 17.53 -12.39
C ALA B 189 -4.59 17.29 -11.57
N LEU B 190 -3.96 16.15 -11.77
CA LEU B 190 -2.75 15.80 -11.05
C LEU B 190 -1.61 16.74 -11.42
N TYR B 191 -1.56 17.10 -12.70
CA TYR B 191 -0.51 17.92 -13.23
C TYR B 191 -0.65 19.35 -12.77
N THR B 192 -1.87 19.87 -12.84
CA THR B 192 -2.16 21.23 -12.45
C THR B 192 -1.80 21.48 -11.01
N VAL B 193 -2.14 20.55 -10.12
CA VAL B 193 -1.97 20.77 -8.67
C VAL B 193 -0.61 20.33 -8.12
N THR B 194 -0.05 19.23 -8.64
CA THR B 194 1.18 18.64 -8.03
C THR B 194 2.39 18.56 -8.97
N GLY B 195 2.19 18.86 -10.25
CA GLY B 195 3.18 18.58 -11.29
C GLY B 195 3.34 17.11 -11.69
N GLN B 196 2.59 16.18 -11.08
CA GLN B 196 2.77 14.75 -11.35
C GLN B 196 1.97 14.38 -12.59
N SER B 197 2.26 13.21 -13.15
CA SER B 197 1.58 12.67 -14.32
C SER B 197 0.81 11.37 -14.05
N TRP B 198 0.05 10.95 -15.05
CA TRP B 198 -0.73 9.72 -15.06
C TRP B 198 0.17 8.57 -14.59
N PRO B 199 -0.06 8.06 -13.36
CA PRO B 199 0.94 7.17 -12.71
C PRO B 199 1.12 5.80 -13.37
N GLU B 200 2.30 5.25 -13.15
CA GLU B 200 2.63 3.92 -13.65
C GLU B 200 1.60 2.88 -13.23
N SER B 201 1.11 2.97 -11.99
CA SER B 201 0.13 1.97 -11.53
C SER B 201 -1.14 1.97 -12.38
N LEU B 202 -1.58 3.15 -12.80
CA LEU B 202 -2.77 3.26 -13.67
C LEU B 202 -2.53 2.85 -15.14
N ILE B 203 -1.30 3.03 -15.64
CA ILE B 203 -0.93 2.45 -16.96
C ILE B 203 -1.12 0.91 -16.96
N ARG B 204 -0.63 0.24 -15.92
CA ARG B 204 -0.88 -1.20 -15.66
C ARG B 204 -2.39 -1.55 -15.50
N LYS B 205 -3.10 -0.84 -14.64
CA LYS B 205 -4.51 -1.18 -14.41
C LYS B 205 -5.35 -1.00 -15.67
N THR B 206 -5.18 0.15 -16.34
CA THR B 206 -6.10 0.55 -17.43
C THR B 206 -5.62 0.16 -18.82
N GLY B 207 -4.32 -0.03 -18.99
CA GLY B 207 -3.76 -0.20 -20.32
C GLY B 207 -3.58 1.07 -21.11
N TYR B 208 -3.96 2.22 -20.56
CA TYR B 208 -3.79 3.51 -21.23
C TYR B 208 -2.47 4.13 -20.85
N THR B 209 -1.75 4.63 -21.86
CA THR B 209 -0.55 5.42 -21.66
C THR B 209 -0.96 6.86 -21.80
N LEU B 210 -0.05 7.75 -21.38
CA LEU B 210 -0.22 9.15 -21.68
C LEU B 210 -0.47 9.40 -23.16
N GLU B 211 0.25 8.71 -24.02
CA GLU B 211 0.04 8.97 -25.44
C GLU B 211 -1.35 8.58 -25.94
N SER B 212 -1.95 7.49 -25.43
CA SER B 212 -3.32 7.10 -25.84
C SER B 212 -4.32 8.09 -25.29
N LEU B 213 -4.02 8.70 -24.15
CA LEU B 213 -4.86 9.75 -23.58
C LEU B 213 -4.73 11.12 -24.28
N LYS B 214 -3.64 11.34 -25.00
CA LYS B 214 -3.30 12.66 -25.58
C LYS B 214 -4.42 13.40 -26.38
N PRO B 215 -5.10 12.76 -27.35
CA PRO B 215 -6.19 13.45 -28.07
C PRO B 215 -7.31 14.00 -27.18
N CYS B 216 -7.76 13.22 -26.20
CA CYS B 216 -8.79 13.65 -25.26
C CYS B 216 -8.25 14.71 -24.34
N LEU B 217 -7.03 14.47 -23.85
CA LEU B 217 -6.31 15.44 -23.03
C LEU B 217 -6.07 16.81 -23.72
N MET B 218 -5.88 16.79 -25.03
CA MET B 218 -5.71 18.01 -25.86
C MET B 218 -7.01 18.80 -25.86
N ASP B 219 -8.13 18.11 -26.07
CA ASP B 219 -9.45 18.76 -26.04
C ASP B 219 -9.79 19.29 -24.66
N LEU B 220 -9.54 18.49 -23.63
CA LEU B 220 -9.91 18.83 -22.27
C LEU B 220 -9.10 19.99 -21.71
N HIS B 221 -7.84 20.08 -22.13
CA HIS B 221 -6.97 21.23 -21.83
C HIS B 221 -7.59 22.52 -22.37
N GLN B 222 -8.07 22.46 -23.62
CA GLN B 222 -8.71 23.60 -24.27
C GLN B 222 -9.99 24.00 -23.57
N THR B 223 -10.82 23.01 -23.26
CA THR B 223 -12.06 23.26 -22.55
C THR B 223 -11.79 23.94 -21.21
N TYR B 224 -10.70 23.51 -20.56
CA TYR B 224 -10.31 24.03 -19.27
C TYR B 224 -9.85 25.48 -19.42
N LEU B 225 -8.92 25.72 -20.35
CA LEU B 225 -8.41 27.08 -20.64
C LEU B 225 -9.54 28.08 -20.94
N LYS B 226 -10.48 27.64 -21.77
CA LYS B 226 -11.59 28.45 -22.24
C LYS B 226 -12.85 28.38 -21.39
N ALA B 227 -12.80 27.74 -20.23
CA ALA B 227 -13.98 27.60 -19.35
C ALA B 227 -14.57 28.92 -18.85
N PRO B 228 -13.72 29.90 -18.46
CA PRO B 228 -14.26 31.18 -18.02
C PRO B 228 -15.05 31.93 -19.09
N GLN B 229 -14.80 31.65 -20.36
CA GLN B 229 -15.58 32.28 -21.41
C GLN B 229 -16.68 31.42 -22.07
N HIS B 230 -16.98 30.25 -21.51
CA HIS B 230 -17.99 29.38 -22.07
C HIS B 230 -19.37 29.98 -21.73
N ALA B 231 -20.32 29.89 -22.64
CA ALA B 231 -21.70 30.38 -22.43
C ALA B 231 -22.39 29.77 -21.19
N GLN B 232 -22.16 28.48 -20.97
CA GLN B 232 -22.62 27.75 -19.76
C GLN B 232 -21.60 27.87 -18.59
N GLN B 233 -22.08 28.30 -17.42
CA GLN B 233 -21.22 28.60 -16.25
C GLN B 233 -21.60 27.95 -14.94
N SER B 234 -22.70 27.17 -14.86
CA SER B 234 -23.14 26.56 -13.58
C SER B 234 -22.09 25.65 -12.91
N ILE B 235 -21.29 24.95 -13.72
CA ILE B 235 -20.29 24.04 -13.17
C ILE B 235 -19.19 24.86 -12.55
N ARG B 236 -18.65 25.82 -13.29
CA ARG B 236 -17.66 26.73 -12.69
C ARG B 236 -18.15 27.37 -11.39
N GLU B 237 -19.39 27.84 -11.37
CA GLU B 237 -19.96 28.41 -10.12
C GLU B 237 -20.00 27.40 -8.98
N LYS B 238 -20.44 26.18 -9.29
CA LYS B 238 -20.48 25.08 -8.33
C LYS B 238 -19.12 24.82 -7.68
N TYR B 239 -18.12 24.70 -8.55
CA TYR B 239 -16.77 24.39 -8.11
C TYR B 239 -15.96 25.60 -7.53
N LYS B 240 -16.59 26.76 -7.41
CA LYS B 240 -16.03 27.87 -6.62
C LYS B 240 -16.20 27.64 -5.12
N ASN B 241 -17.24 26.90 -4.72
CA ASN B 241 -17.56 26.66 -3.30
C ASN B 241 -16.40 25.95 -2.58
N SER B 242 -16.34 26.09 -1.26
CA SER B 242 -15.26 25.50 -0.44
C SER B 242 -15.43 23.98 -0.25
N LYS B 243 -16.66 23.50 -0.35
CA LYS B 243 -16.98 22.08 -0.52
C LYS B 243 -16.08 21.39 -1.59
N TYR B 244 -15.75 22.11 -2.69
CA TYR B 244 -14.85 21.65 -3.75
C TYR B 244 -13.48 22.37 -3.76
N HIS B 245 -13.08 22.88 -2.59
CA HIS B 245 -11.77 23.54 -2.39
C HIS B 245 -11.47 24.68 -3.42
N GLY B 246 -12.54 25.39 -3.81
CA GLY B 246 -12.53 26.42 -4.88
C GLY B 246 -11.76 26.15 -6.18
N VAL B 247 -11.70 24.90 -6.62
CA VAL B 247 -10.74 24.51 -7.67
C VAL B 247 -10.96 25.13 -9.05
N SER B 248 -12.21 25.52 -9.38
CA SER B 248 -12.47 26.29 -10.59
C SER B 248 -11.73 27.65 -10.65
N LEU B 249 -11.26 28.18 -9.52
CA LEU B 249 -10.47 29.43 -9.50
C LEU B 249 -8.98 29.26 -9.79
N LEU B 250 -8.46 28.04 -9.64
CA LEU B 250 -7.05 27.75 -9.95
C LEU B 250 -6.73 27.97 -11.42
N ASN B 251 -5.51 28.44 -11.72
CA ASN B 251 -5.11 28.72 -13.10
C ASN B 251 -4.74 27.46 -13.84
N PRO B 252 -5.34 27.24 -15.02
CA PRO B 252 -4.94 26.09 -15.81
C PRO B 252 -3.49 26.20 -16.21
N PRO B 253 -2.75 25.09 -16.32
CA PRO B 253 -1.41 25.20 -16.91
C PRO B 253 -1.50 25.71 -18.36
N GLU B 254 -0.49 26.45 -18.82
CA GLU B 254 -0.52 26.97 -20.19
C GLU B 254 -0.08 25.91 -21.19
N THR B 255 0.91 25.08 -20.82
CA THR B 255 1.27 23.86 -21.61
C THR B 255 1.34 22.59 -20.76
N LEU B 256 1.23 21.45 -21.44
CA LEU B 256 1.31 20.14 -20.80
C LEU B 256 2.63 19.40 -21.05
N ASN B 257 3.49 19.96 -21.91
CA ASN B 257 4.67 19.30 -22.47
C ASN B 257 4.26 18.00 -23.19
N MET C 2 50.02 -1.51 24.58
CA MET C 2 50.24 -2.95 24.19
C MET C 2 51.31 -3.73 24.95
N GLU C 3 52.10 -3.01 25.76
CA GLU C 3 53.06 -3.62 26.68
C GLU C 3 52.42 -4.73 27.53
N ASN C 4 51.12 -4.56 27.90
CA ASN C 4 50.44 -5.50 28.81
C ASN C 4 49.96 -6.82 28.17
N PHE C 5 49.52 -6.81 26.94
CA PHE C 5 49.17 -8.09 26.25
C PHE C 5 50.40 -8.92 25.87
N GLN C 6 50.33 -10.23 26.06
CA GLN C 6 51.34 -11.19 25.54
C GLN C 6 50.63 -12.06 24.49
N LYS C 7 51.22 -12.16 23.30
CA LYS C 7 50.71 -13.02 22.22
C LYS C 7 50.88 -14.51 22.58
N VAL C 8 49.81 -15.30 22.46
CA VAL C 8 49.82 -16.74 22.69
C VAL C 8 49.92 -17.56 21.36
N GLU C 9 49.12 -17.22 20.36
CA GLU C 9 49.19 -17.88 19.04
C GLU C 9 48.49 -17.08 17.96
N LYS C 10 48.98 -17.23 16.73
CA LYS C 10 48.33 -16.63 15.57
C LYS C 10 47.06 -17.40 15.26
N ILE C 11 45.94 -16.70 15.19
CA ILE C 11 44.66 -17.32 14.83
C ILE C 11 44.47 -17.32 13.29
N GLY C 12 44.89 -16.24 12.63
CA GLY C 12 44.90 -16.14 11.17
C GLY C 12 44.93 -14.71 10.67
N GLU C 13 44.90 -14.55 9.33
CA GLU C 13 44.73 -13.26 8.65
C GLU C 13 43.22 -13.08 8.38
N GLY C 14 42.65 -11.92 8.71
CA GLY C 14 41.19 -11.65 8.54
C GLY C 14 40.87 -10.78 7.32
N THR C 15 39.64 -10.27 7.21
CA THR C 15 39.31 -9.27 6.13
C THR C 15 40.38 -8.17 5.92
N TYR C 16 41.18 -7.90 6.95
CA TYR C 16 42.30 -6.96 6.89
C TYR C 16 43.17 -7.23 8.11
N GLY C 17 44.48 -7.20 7.94
CA GLY C 17 45.41 -7.52 9.04
C GLY C 17 45.29 -8.91 9.70
N VAL C 18 45.99 -9.05 10.83
CA VAL C 18 46.24 -10.33 11.49
C VAL C 18 45.51 -10.44 12.84
N VAL C 19 45.14 -11.64 13.24
CA VAL C 19 44.45 -11.89 14.51
C VAL C 19 45.31 -12.82 15.39
N TYR C 20 45.42 -12.50 16.68
CA TYR C 20 46.17 -13.32 17.65
C TYR C 20 45.33 -13.61 18.85
N LYS C 21 45.50 -14.80 19.39
CA LYS C 21 45.08 -15.10 20.74
C LYS C 21 46.11 -14.42 21.65
N ALA C 22 45.63 -13.73 22.67
CA ALA C 22 46.54 -13.08 23.59
C ALA C 22 46.01 -13.07 25.00
N ARG C 23 46.95 -12.74 25.91
CA ARG C 23 46.71 -12.74 27.35
CA ARG C 23 46.70 -12.74 27.36
C ARG C 23 47.10 -11.41 28.00
N ASN C 24 46.20 -10.88 28.83
CA ASN C 24 46.49 -9.69 29.58
C ASN C 24 47.40 -10.13 30.75
N LYS C 25 48.65 -9.69 30.72
CA LYS C 25 49.63 -10.04 31.75
C LYS C 25 49.36 -9.56 33.17
N LEU C 26 48.53 -8.51 33.31
CA LEU C 26 48.13 -8.01 34.62
C LEU C 26 46.85 -8.60 35.11
N THR C 27 45.87 -8.80 34.24
CA THR C 27 44.55 -9.28 34.67
C THR C 27 44.33 -10.78 34.50
N GLY C 28 45.10 -11.39 33.62
CA GLY C 28 44.90 -12.79 33.24
C GLY C 28 44.02 -13.01 32.01
N GLU C 29 43.20 -12.00 31.65
CA GLU C 29 42.12 -12.07 30.65
C GLU C 29 42.63 -12.51 29.28
N VAL C 30 41.96 -13.52 28.71
CA VAL C 30 42.29 -14.04 27.38
C VAL C 30 41.43 -13.27 26.36
N VAL C 31 42.10 -12.72 25.35
CA VAL C 31 41.45 -11.91 24.34
C VAL C 31 41.94 -12.32 22.96
N ALA C 32 41.22 -11.87 21.94
CA ALA C 32 41.68 -11.92 20.53
C ALA C 32 41.99 -10.51 20.08
N LEU C 33 43.20 -10.33 19.56
CA LEU C 33 43.67 -9.05 19.08
C LEU C 33 43.69 -9.02 17.55
N LYS C 34 43.00 -8.03 16.96
CA LYS C 34 43.03 -7.78 15.52
C LYS C 34 43.92 -6.59 15.26
N LYS C 35 45.08 -6.82 14.67
CA LYS C 35 46.11 -5.78 14.44
C LYS C 35 46.00 -5.27 12.98
N ILE C 36 46.16 -3.96 12.79
CA ILE C 36 46.10 -3.31 11.47
C ILE C 36 47.31 -2.37 11.33
N ARG C 37 48.12 -2.52 10.28
CA ARG C 37 49.23 -1.57 10.06
C ARG C 37 48.68 -0.33 9.36
N LEU C 38 49.04 0.84 9.84
CA LEU C 38 48.56 2.09 9.24
C LEU C 38 49.57 2.63 8.24
N ASP C 39 50.83 2.74 8.68
CA ASP C 39 51.96 3.12 7.83
C ASP C 39 52.16 2.32 6.51
N THR C 40 51.48 1.18 6.32
CA THR C 40 51.52 0.42 5.05
C THR C 40 50.30 0.74 4.16
N GLU C 41 49.66 1.88 4.42
CA GLU C 41 48.58 2.40 3.59
C GLU C 41 48.72 3.88 3.28
N THR C 42 48.99 4.69 4.31
CA THR C 42 49.03 6.18 4.23
C THR C 42 47.83 6.71 3.42
N GLU C 43 46.70 6.14 3.81
CA GLU C 43 45.38 6.59 3.48
C GLU C 43 44.60 6.74 4.82
N GLY C 44 45.32 6.65 5.94
CA GLY C 44 44.78 6.74 7.29
C GLY C 44 44.14 5.44 7.75
N VAL C 45 43.16 5.57 8.64
CA VAL C 45 42.45 4.43 9.17
C VAL C 45 41.55 3.89 8.06
N PRO C 46 41.67 2.59 7.70
CA PRO C 46 40.85 2.04 6.59
C PRO C 46 39.37 2.03 6.91
N SER C 47 38.54 2.11 5.85
CA SER C 47 37.07 2.13 6.03
C SER C 47 36.53 0.90 6.71
N THR C 48 37.15 -0.24 6.39
CA THR C 48 36.80 -1.54 7.00
C THR C 48 36.90 -1.46 8.53
N ALA C 49 37.96 -0.86 9.03
CA ALA C 49 38.16 -0.70 10.47
C ALA C 49 37.20 0.30 11.06
N ILE C 50 37.00 1.42 10.38
CA ILE C 50 36.07 2.44 10.85
C ILE C 50 34.68 1.84 10.96
N ARG C 51 34.26 1.10 9.94
CA ARG C 51 32.95 0.50 9.95
C ARG C 51 32.77 -0.61 10.99
N GLU C 52 33.76 -1.49 11.12
CA GLU C 52 33.69 -2.61 12.09
C GLU C 52 33.58 -2.09 13.53
N ILE C 53 34.41 -1.09 13.87
CA ILE C 53 34.42 -0.55 15.23
C ILE C 53 33.12 0.19 15.53
N SER C 54 32.73 1.10 14.64
CA SER C 54 31.56 1.90 14.89
C SER C 54 30.30 1.08 14.95
N LEU C 55 30.20 0.07 14.08
CA LEU C 55 28.99 -0.74 14.06
C LEU C 55 28.95 -1.75 15.21
N LEU C 56 30.08 -2.36 15.56
CA LEU C 56 30.12 -3.25 16.76
C LEU C 56 29.85 -2.55 18.10
N LYS C 57 30.24 -1.29 18.25
CA LYS C 57 29.83 -0.55 19.45
C LYS C 57 28.31 -0.33 19.55
N GLU C 58 27.58 -0.38 18.44
CA GLU C 58 26.12 -0.35 18.47
C GLU C 58 25.43 -1.75 18.48
N LEU C 59 26.21 -2.83 18.56
CA LEU C 59 25.68 -4.20 18.42
C LEU C 59 26.06 -5.04 19.64
N ASN C 60 25.32 -4.85 20.73
CA ASN C 60 25.49 -5.60 21.97
C ASN C 60 24.47 -6.68 22.06
N HIS C 61 24.92 -7.90 21.94
CA HIS C 61 23.99 -9.05 21.82
C HIS C 61 24.78 -10.32 22.15
N PRO C 62 24.12 -11.29 22.78
CA PRO C 62 24.84 -12.54 23.11
C PRO C 62 25.48 -13.23 21.90
N ASN C 63 24.82 -13.11 20.75
CA ASN C 63 25.21 -13.79 19.52
C ASN C 63 25.99 -12.92 18.51
N ILE C 64 26.62 -11.85 19.02
CA ILE C 64 27.50 -10.98 18.26
C ILE C 64 28.73 -10.81 19.12
N VAL C 65 29.88 -10.99 18.49
CA VAL C 65 31.12 -10.93 19.20
C VAL C 65 31.32 -9.55 19.85
N LYS C 66 31.91 -9.55 21.05
CA LYS C 66 32.12 -8.31 21.82
C LYS C 66 33.45 -7.71 21.55
N LEU C 67 33.43 -6.42 21.23
CA LEU C 67 34.62 -5.61 21.10
C LEU C 67 34.82 -4.99 22.49
N LEU C 68 36.01 -5.20 23.05
CA LEU C 68 36.30 -4.76 24.43
C LEU C 68 37.01 -3.43 24.46
N ASP C 69 37.91 -3.18 23.52
CA ASP C 69 38.71 -1.97 23.52
C ASP C 69 39.28 -1.72 22.13
N VAL C 70 39.71 -0.48 21.89
CA VAL C 70 40.42 -0.13 20.67
C VAL C 70 41.62 0.69 21.09
N ILE C 71 42.82 0.25 20.74
CA ILE C 71 44.03 0.93 21.09
C ILE C 71 44.70 1.48 19.84
N HIS C 72 44.78 2.80 19.75
CA HIS C 72 45.32 3.47 18.55
C HIS C 72 46.67 4.09 18.84
N THR C 73 47.69 3.62 18.15
CA THR C 73 49.06 4.13 18.27
C THR C 73 49.40 4.95 17.05
N GLU C 74 50.38 5.84 17.16
CA GLU C 74 50.90 6.51 15.96
C GLU C 74 50.99 5.55 14.75
N ASN C 75 51.66 4.41 14.92
CA ASN C 75 51.86 3.46 13.82
C ASN C 75 50.90 2.23 13.71
N LYS C 76 50.10 1.98 14.72
CA LYS C 76 49.29 0.75 14.78
C LYS C 76 47.91 0.95 15.40
N LEU C 77 47.00 0.06 15.04
CA LEU C 77 45.66 0.08 15.55
C LEU C 77 45.29 -1.36 15.87
N TYR C 78 44.79 -1.61 17.08
CA TYR C 78 44.44 -2.97 17.55
C TYR C 78 43.03 -2.96 18.01
N LEU C 79 42.26 -3.96 17.63
CA LEU C 79 40.95 -4.08 18.20
C LEU C 79 41.09 -5.23 19.18
N VAL C 80 40.45 -5.10 20.35
CA VAL C 80 40.57 -6.09 21.37
C VAL C 80 39.21 -6.71 21.56
N PHE C 81 39.12 -7.99 21.23
CA PHE C 81 37.84 -8.68 21.32
C PHE C 81 37.95 -9.76 22.35
N GLU C 82 36.79 -10.25 22.79
CA GLU C 82 36.67 -11.50 23.52
C GLU C 82 37.19 -12.67 22.70
N PHE C 83 37.80 -13.64 23.37
CA PHE C 83 38.27 -14.83 22.74
C PHE C 83 37.23 -15.93 22.85
N LEU C 84 36.96 -16.58 21.72
CA LEU C 84 36.19 -17.80 21.71
C LEU C 84 37.07 -18.86 21.08
N HIS C 85 36.94 -20.09 21.55
CA HIS C 85 37.95 -21.13 21.26
C HIS C 85 37.86 -21.83 19.91
N GLN C 86 36.75 -21.68 19.19
CA GLN C 86 36.55 -22.41 17.95
C GLN C 86 35.67 -21.67 16.92
N ASP C 87 35.93 -21.90 15.64
CA ASP C 87 35.01 -21.44 14.60
C ASP C 87 34.19 -22.60 13.99
N LEU C 88 33.05 -22.26 13.39
CA LEU C 88 32.18 -23.26 12.77
C LEU C 88 32.82 -24.09 11.64
N LYS C 89 33.72 -23.50 10.86
CA LYS C 89 34.39 -24.24 9.81
C LYS C 89 35.11 -25.42 10.44
N LYS C 90 35.93 -25.14 11.44
CA LYS C 90 36.69 -26.15 12.13
C LYS C 90 35.80 -27.14 12.89
N PHE C 91 34.74 -26.67 13.50
CA PHE C 91 33.84 -27.58 14.18
C PHE C 91 33.24 -28.57 13.19
N MET C 92 32.86 -28.09 11.99
CA MET C 92 32.35 -28.94 10.92
C MET C 92 33.36 -29.96 10.42
N ASP C 93 34.64 -29.57 10.29
CA ASP C 93 35.67 -30.55 9.87
C ASP C 93 35.81 -31.68 10.87
N ALA C 94 35.84 -31.34 12.15
CA ALA C 94 35.95 -32.34 13.23
C ALA C 94 34.71 -33.22 13.40
N SER C 95 33.56 -32.79 12.89
CA SER C 95 32.31 -33.55 12.92
C SER C 95 31.91 -34.07 11.51
N ALA C 96 32.88 -34.23 10.61
CA ALA C 96 32.59 -34.52 9.18
C ALA C 96 32.01 -35.92 8.92
N LEU C 97 32.47 -36.92 9.68
CA LEU C 97 32.00 -38.30 9.55
C LEU C 97 30.85 -38.55 10.52
N THR C 98 31.03 -38.13 11.76
CA THR C 98 29.96 -38.21 12.79
C THR C 98 28.63 -37.62 12.29
N GLY C 99 28.67 -36.37 11.80
CA GLY C 99 27.51 -35.51 11.59
C GLY C 99 27.34 -34.62 12.82
N ILE C 100 27.04 -33.33 12.63
CA ILE C 100 26.64 -32.51 13.76
C ILE C 100 25.22 -32.95 14.11
N PRO C 101 24.95 -33.35 15.35
CA PRO C 101 23.56 -33.72 15.69
C PRO C 101 22.52 -32.62 15.37
N LEU C 102 21.34 -33.02 14.90
CA LEU C 102 20.30 -32.10 14.48
C LEU C 102 19.90 -31.07 15.57
N PRO C 103 19.82 -31.48 16.84
CA PRO C 103 19.42 -30.43 17.80
C PRO C 103 20.47 -29.32 17.97
N LEU C 104 21.74 -29.66 17.81
CA LEU C 104 22.81 -28.67 17.86
C LEU C 104 22.77 -27.73 16.62
N ILE C 105 22.55 -28.32 15.45
CA ILE C 105 22.34 -27.56 14.21
C ILE C 105 21.18 -26.54 14.38
N LYS C 106 20.07 -27.00 14.95
CA LYS C 106 18.90 -26.18 15.10
C LYS C 106 19.20 -25.05 16.09
N SER C 107 19.87 -25.39 17.19
CA SER C 107 20.25 -24.43 18.20
C SER C 107 21.20 -23.34 17.63
N TYR C 108 22.21 -23.77 16.86
CA TYR C 108 23.16 -22.85 16.24
C TYR C 108 22.50 -21.94 15.22
N LEU C 109 21.62 -22.51 14.40
CA LEU C 109 20.89 -21.72 13.44
C LEU C 109 20.01 -20.70 14.12
N PHE C 110 19.34 -21.11 15.19
CA PHE C 110 18.48 -20.23 15.99
C PHE C 110 19.25 -19.05 16.56
N GLN C 111 20.45 -19.33 17.08
CA GLN C 111 21.29 -18.30 17.65
C GLN C 111 21.79 -17.33 16.59
N LEU C 112 22.24 -17.89 15.46
CA LEU C 112 22.73 -17.08 14.34
C LEU C 112 21.62 -16.17 13.83
N LEU C 113 20.41 -16.70 13.72
CA LEU C 113 19.28 -15.87 13.34
C LEU C 113 19.00 -14.74 14.33
N GLN C 114 19.13 -14.98 15.63
CA GLN C 114 18.90 -13.93 16.63
C GLN C 114 19.94 -12.80 16.51
N GLY C 115 21.19 -13.18 16.30
CA GLY C 115 22.24 -12.23 16.12
C GLY C 115 21.98 -11.39 14.85
N LEU C 116 21.67 -12.07 13.74
CA LEU C 116 21.38 -11.41 12.51
C LEU C 116 20.10 -10.53 12.53
N ALA C 117 19.04 -11.02 13.14
CA ALA C 117 17.83 -10.19 13.33
C ALA C 117 18.18 -8.86 13.99
N PHE C 118 19.08 -8.92 15.00
CA PHE C 118 19.48 -7.77 15.77
C PHE C 118 20.34 -6.81 14.92
N CYS C 119 21.29 -7.36 14.14
CA CYS C 119 21.99 -6.57 13.12
C CYS C 119 21.02 -5.83 12.20
N HIS C 120 20.11 -6.56 11.59
CA HIS C 120 19.21 -5.94 10.62
C HIS C 120 18.27 -4.92 11.25
N SER C 121 17.88 -5.16 12.50
CA SER C 121 17.06 -4.24 13.30
C SER C 121 17.77 -2.95 13.69
N HIS C 122 19.10 -2.98 13.63
CA HIS C 122 19.94 -1.84 13.89
C HIS C 122 20.59 -1.39 12.58
N ARG C 123 19.88 -1.56 11.46
CA ARG C 123 20.30 -1.13 10.13
C ARG C 123 21.72 -1.53 9.74
N VAL C 124 22.15 -2.73 10.11
CA VAL C 124 23.50 -3.24 9.72
C VAL C 124 23.35 -4.48 8.85
N LEU C 125 24.06 -4.48 7.71
CA LEU C 125 24.26 -5.65 6.85
C LEU C 125 25.65 -6.23 7.09
N HIS C 126 25.76 -7.56 7.28
CA HIS C 126 27.03 -8.18 7.61
C HIS C 126 27.88 -8.34 6.37
N ARG C 127 27.30 -8.90 5.31
CA ARG C 127 27.98 -9.02 3.99
C ARG C 127 29.11 -10.03 3.85
N ASP C 128 29.33 -10.88 4.84
CA ASP C 128 30.39 -11.91 4.77
C ASP C 128 30.15 -13.10 5.72
N LEU C 129 28.89 -13.47 5.87
CA LEU C 129 28.55 -14.65 6.64
C LEU C 129 29.13 -15.87 5.93
N LYS C 130 29.97 -16.60 6.64
CA LYS C 130 30.52 -17.88 6.23
C LYS C 130 31.01 -18.55 7.49
N PRO C 131 31.13 -19.90 7.48
CA PRO C 131 31.49 -20.65 8.73
C PRO C 131 32.75 -20.15 9.51
N GLN C 132 33.76 -19.75 8.75
N GLN C 132 33.73 -19.68 8.75
CA GLN C 132 35.02 -19.20 9.28
CA GLN C 132 35.00 -19.17 9.26
C GLN C 132 34.81 -17.93 10.20
C GLN C 132 34.82 -17.95 10.17
N ASN C 133 33.75 -17.19 9.95
CA ASN C 133 33.46 -15.98 10.71
C ASN C 133 32.38 -16.21 11.77
N LEU C 134 32.04 -17.46 12.05
CA LEU C 134 31.06 -17.75 13.10
C LEU C 134 31.75 -18.49 14.23
N LEU C 135 31.70 -17.93 15.44
CA LEU C 135 32.61 -18.40 16.52
C LEU C 135 31.81 -19.02 17.62
N ILE C 136 32.37 -20.10 18.18
CA ILE C 136 31.68 -20.90 19.21
C ILE C 136 32.56 -20.98 20.47
N ASN C 137 31.90 -20.85 21.62
CA ASN C 137 32.55 -21.03 22.92
C ASN C 137 32.17 -22.40 23.53
N THR C 138 32.81 -22.69 24.65
CA THR C 138 32.60 -23.94 25.41
C THR C 138 31.19 -24.04 26.04
N GLU C 139 30.55 -22.89 26.24
CA GLU C 139 29.20 -22.79 26.81
C GLU C 139 28.04 -23.20 25.83
N GLY C 140 28.34 -23.58 24.57
CA GLY C 140 27.29 -23.83 23.53
C GLY C 140 26.78 -22.61 22.74
N ALA C 141 27.41 -21.44 22.89
CA ALA C 141 26.96 -20.23 22.20
C ALA C 141 27.66 -20.14 20.85
N ILE C 142 26.96 -19.57 19.87
CA ILE C 142 27.60 -19.25 18.59
C ILE C 142 27.41 -17.76 18.36
N LYS C 143 28.42 -17.13 17.75
CA LYS C 143 28.39 -15.69 17.53
C LYS C 143 28.87 -15.23 16.15
N LEU C 144 28.20 -14.20 15.63
CA LEU C 144 28.65 -13.50 14.41
C LEU C 144 29.90 -12.73 14.70
N ALA C 145 30.88 -12.87 13.83
CA ALA C 145 32.13 -12.11 13.92
C ALA C 145 32.59 -11.64 12.53
N ASP C 146 33.69 -10.91 12.53
CA ASP C 146 34.21 -10.17 11.39
C ASP C 146 33.21 -9.24 10.68
N PHE C 147 33.02 -8.06 11.27
CA PHE C 147 32.21 -7.01 10.69
C PHE C 147 33.00 -6.01 9.80
N GLY C 148 34.19 -6.38 9.36
CA GLY C 148 34.92 -5.56 8.40
C GLY C 148 34.28 -5.26 7.04
N LEU C 149 33.44 -6.15 6.55
CA LEU C 149 32.78 -5.96 5.30
C LEU C 149 31.38 -5.46 5.50
N ALA C 150 31.03 -5.14 6.73
CA ALA C 150 29.64 -4.71 7.02
C ALA C 150 29.41 -3.29 6.63
N ARG C 151 28.14 -2.89 6.57
CA ARG C 151 27.79 -1.49 6.36
C ARG C 151 26.45 -1.15 6.92
N ALA C 152 26.32 0.11 7.36
CA ALA C 152 25.05 0.66 7.87
C ALA C 152 24.21 0.99 6.67
N PHE C 153 22.98 0.50 6.64
CA PHE C 153 22.13 0.71 5.45
C PHE C 153 21.02 1.69 5.74
N GLY C 154 20.38 2.15 4.68
CA GLY C 154 19.33 3.18 4.79
C GLY C 154 17.99 2.60 4.43
N VAL C 155 16.96 3.32 4.80
CA VAL C 155 15.57 2.95 4.47
C VAL C 155 14.95 4.04 3.59
N PRO C 156 14.70 3.75 2.28
CA PRO C 156 15.11 2.51 1.59
C PRO C 156 16.59 2.56 1.20
N VAL C 157 17.10 1.44 0.72
CA VAL C 157 18.55 1.32 0.36
C VAL C 157 18.95 2.11 -0.89
N ARG C 158 20.22 2.50 -0.98
CA ARG C 158 20.86 2.93 -2.23
C ARG C 158 21.67 1.76 -2.77
N THR C 159 22.32 1.98 -3.90
CA THR C 159 23.29 1.06 -4.44
C THR C 159 24.51 1.04 -3.53
N TYR C 160 25.01 -0.17 -3.24
CA TYR C 160 26.15 -0.36 -2.33
C TYR C 160 27.21 -1.09 -3.10
N TPO C 161 28.33 -1.39 -2.43
CA TPO C 161 29.47 -2.03 -3.08
CB TPO C 161 30.54 -2.24 -2.02
CG2 TPO C 161 31.73 -3.03 -2.58
OG1 TPO C 161 31.00 -0.97 -1.50
P TPO C 161 30.54 -0.72 0.07
O1P TPO C 161 29.07 -0.83 0.16
O2P TPO C 161 31.29 -1.68 0.91
O3P TPO C 161 30.93 0.75 0.31
C TPO C 161 29.03 -3.35 -3.65
O TPO C 161 28.38 -4.15 -2.98
N HIS C 162 29.37 -3.61 -4.91
CA HIS C 162 29.03 -4.85 -5.60
C HIS C 162 29.88 -6.09 -5.20
N GLU C 163 31.17 -5.88 -4.94
CA GLU C 163 32.11 -6.98 -4.62
C GLU C 163 31.91 -7.39 -3.17
N VAL C 164 30.82 -8.08 -2.87
CA VAL C 164 30.56 -8.45 -1.49
C VAL C 164 30.12 -9.91 -1.41
N VAL C 165 30.41 -10.47 -0.25
CA VAL C 165 30.20 -11.87 0.13
C VAL C 165 31.15 -12.84 -0.58
N THR C 166 31.78 -13.72 0.18
CA THR C 166 32.60 -14.83 -0.35
C THR C 166 31.70 -15.68 -1.29
N LEU C 167 32.28 -16.11 -2.41
CA LEU C 167 31.53 -16.63 -3.57
C LEU C 167 30.50 -17.72 -3.26
N TRP C 168 30.93 -18.74 -2.52
CA TRP C 168 30.07 -19.87 -2.17
C TRP C 168 28.85 -19.45 -1.38
N TYR C 169 28.88 -18.27 -0.74
CA TYR C 169 27.78 -17.84 0.17
C TYR C 169 26.98 -16.65 -0.42
N ARG C 170 27.40 -16.22 -1.61
CA ARG C 170 26.83 -15.07 -2.28
C ARG C 170 25.42 -15.32 -2.82
N ALA C 171 24.58 -14.31 -2.70
CA ALA C 171 23.19 -14.40 -3.17
C ALA C 171 23.05 -14.14 -4.66
N PRO C 172 22.00 -14.71 -5.29
CA PRO C 172 21.88 -14.60 -6.74
C PRO C 172 21.66 -13.17 -7.22
N GLU C 173 21.00 -12.33 -6.42
CA GLU C 173 20.83 -10.90 -6.83
C GLU C 173 22.14 -10.15 -6.98
N ILE C 174 23.18 -10.59 -6.25
CA ILE C 174 24.48 -9.99 -6.38
C ILE C 174 25.16 -10.53 -7.63
N LEU C 175 25.15 -11.84 -7.80
CA LEU C 175 25.75 -12.49 -8.97
C LEU C 175 25.16 -12.00 -10.28
N LEU C 176 23.87 -11.69 -10.30
CA LEU C 176 23.21 -11.22 -11.51
C LEU C 176 23.24 -9.70 -11.65
N GLY C 177 23.80 -9.00 -10.66
CA GLY C 177 24.05 -7.55 -10.72
C GLY C 177 22.87 -6.59 -10.57
N CYS C 178 21.87 -6.93 -9.73
CA CYS C 178 20.79 -6.02 -9.39
C CYS C 178 21.37 -4.71 -8.86
N LYS C 179 20.69 -3.64 -9.18
CA LYS C 179 21.13 -2.34 -8.73
C LYS C 179 21.14 -2.27 -7.17
N TYR C 180 20.09 -2.81 -6.56
CA TYR C 180 19.88 -2.82 -5.15
C TYR C 180 19.98 -4.23 -4.58
N TYR C 181 20.52 -4.31 -3.35
CA TYR C 181 20.42 -5.47 -2.51
C TYR C 181 20.32 -5.01 -1.07
N SER C 182 19.86 -5.89 -0.20
CA SER C 182 19.75 -5.58 1.22
C SER C 182 19.89 -6.82 2.15
N THR C 183 19.12 -6.82 3.24
CA THR C 183 19.16 -7.83 4.28
C THR C 183 19.03 -9.25 3.78
N ALA C 184 18.23 -9.46 2.75
CA ALA C 184 18.12 -10.78 2.14
C ALA C 184 19.46 -11.45 1.77
N VAL C 185 20.52 -10.70 1.48
CA VAL C 185 21.77 -11.37 1.08
C VAL C 185 22.39 -12.12 2.27
N ASP C 186 22.14 -11.60 3.48
CA ASP C 186 22.60 -12.26 4.70
C ASP C 186 21.80 -13.57 4.97
N ILE C 187 20.50 -13.54 4.72
CA ILE C 187 19.71 -14.72 4.83
C ILE C 187 20.14 -15.83 3.87
N TRP C 188 20.48 -15.48 2.64
CA TRP C 188 20.97 -16.45 1.67
C TRP C 188 22.20 -17.16 2.22
N SER C 189 23.14 -16.36 2.73
CA SER C 189 24.35 -16.90 3.33
C SER C 189 24.02 -17.87 4.47
N LEU C 190 23.10 -17.50 5.37
CA LEU C 190 22.70 -18.42 6.42
C LEU C 190 22.04 -19.69 5.89
N GLY C 191 21.18 -19.58 4.88
CA GLY C 191 20.59 -20.75 4.23
C GLY C 191 21.66 -21.70 3.73
N CYS C 192 22.67 -21.18 3.05
CA CYS C 192 23.78 -22.01 2.64
C CYS C 192 24.48 -22.70 3.81
N ILE C 193 24.66 -21.96 4.93
CA ILE C 193 25.39 -22.46 6.07
C ILE C 193 24.58 -23.55 6.77
N PHE C 194 23.28 -23.33 6.85
CA PHE C 194 22.35 -24.32 7.37
C PHE C 194 22.48 -25.64 6.62
N ALA C 195 22.34 -25.61 5.31
CA ALA C 195 22.46 -26.83 4.52
C ALA C 195 23.87 -27.47 4.69
N GLU C 196 24.91 -26.66 4.75
CA GLU C 196 26.27 -27.19 4.94
C GLU C 196 26.42 -27.87 6.31
N MET C 197 25.77 -27.38 7.36
CA MET C 197 25.82 -28.06 8.66
C MET C 197 25.18 -29.46 8.60
N VAL C 198 24.04 -29.54 7.91
CA VAL C 198 23.28 -30.75 7.70
C VAL C 198 23.98 -31.81 6.82
N THR C 199 24.57 -31.39 5.70
CA THR C 199 25.09 -32.34 4.69
C THR C 199 26.57 -32.58 4.78
N ARG C 200 27.24 -31.83 5.64
CA ARG C 200 28.68 -31.93 5.89
C ARG C 200 29.59 -31.39 4.76
N ARG C 201 29.01 -30.66 3.81
CA ARG C 201 29.77 -30.02 2.72
C ARG C 201 29.07 -28.78 2.19
N ALA C 202 29.84 -27.93 1.54
CA ALA C 202 29.34 -26.67 1.02
C ALA C 202 28.20 -26.96 0.06
N LEU C 203 27.10 -26.21 0.15
CA LEU C 203 25.96 -26.39 -0.76
C LEU C 203 26.28 -26.00 -2.21
N PHE C 204 26.95 -24.86 -2.40
CA PHE C 204 27.26 -24.32 -3.74
C PHE C 204 28.75 -23.91 -3.89
N PRO C 205 29.63 -24.91 -4.07
CA PRO C 205 31.08 -24.61 -4.10
C PRO C 205 31.61 -24.28 -5.49
N GLY C 206 31.17 -23.13 -6.00
CA GLY C 206 31.57 -22.65 -7.31
C GLY C 206 33.00 -22.23 -7.39
N ASP C 207 33.56 -22.30 -8.60
CA ASP C 207 34.92 -21.78 -8.89
C ASP C 207 34.94 -20.50 -9.72
N SER C 208 33.76 -19.94 -10.02
CA SER C 208 33.60 -18.70 -10.78
C SER C 208 32.16 -18.21 -10.58
N GLU C 209 31.89 -17.00 -11.04
CA GLU C 209 30.58 -16.42 -10.91
C GLU C 209 29.55 -17.21 -11.72
N ILE C 210 29.92 -17.59 -12.95
CA ILE C 210 29.03 -18.36 -13.80
C ILE C 210 28.81 -19.80 -13.25
N ASP C 211 29.88 -20.43 -12.80
CA ASP C 211 29.78 -21.77 -12.17
C ASP C 211 28.98 -21.73 -10.87
N GLN C 212 29.13 -20.65 -10.09
CA GLN C 212 28.34 -20.46 -8.89
C GLN C 212 26.85 -20.41 -9.27
N LEU C 213 26.51 -19.56 -10.24
CA LEU C 213 25.10 -19.44 -10.67
C LEU C 213 24.50 -20.77 -11.14
N PHE C 214 25.30 -21.52 -11.91
CA PHE C 214 24.81 -22.79 -12.51
C PHE C 214 24.59 -23.84 -11.44
N ARG C 215 25.45 -23.86 -10.41
CA ARG C 215 25.22 -24.74 -9.24
C ARG C 215 23.95 -24.39 -8.48
N ILE C 216 23.72 -23.10 -8.29
CA ILE C 216 22.48 -22.66 -7.68
C ILE C 216 21.30 -23.06 -8.58
N PHE C 217 21.39 -22.80 -9.89
CA PHE C 217 20.31 -23.17 -10.82
C PHE C 217 20.01 -24.69 -10.82
N ARG C 218 21.05 -25.53 -10.79
CA ARG C 218 20.88 -27.00 -10.85
C ARG C 218 20.18 -27.57 -9.67
N THR C 219 20.27 -26.87 -8.54
CA THR C 219 19.67 -27.32 -7.30
C THR C 219 18.28 -26.75 -7.15
N LEU C 220 18.11 -25.47 -7.45
CA LEU C 220 16.86 -24.76 -7.14
C LEU C 220 15.96 -24.54 -8.36
N GLY C 221 16.52 -24.83 -9.53
CA GLY C 221 15.86 -24.61 -10.80
C GLY C 221 16.30 -23.28 -11.35
N THR C 222 16.40 -23.17 -12.67
CA THR C 222 16.74 -21.91 -13.28
C THR C 222 15.56 -21.00 -13.12
N PRO C 223 15.77 -19.78 -12.59
CA PRO C 223 14.64 -18.91 -12.34
C PRO C 223 14.18 -18.25 -13.63
N ASP C 224 12.88 -18.01 -13.71
CA ASP C 224 12.17 -17.41 -14.84
C ASP C 224 11.28 -16.27 -14.33
N GLU C 225 10.58 -15.60 -15.26
CA GLU C 225 9.80 -14.41 -14.93
C GLU C 225 8.66 -14.66 -13.94
N VAL C 226 8.15 -15.89 -13.89
CA VAL C 226 7.08 -16.29 -12.95
C VAL C 226 7.62 -16.30 -11.52
N VAL C 227 8.72 -17.00 -11.31
CA VAL C 227 9.24 -17.19 -9.96
C VAL C 227 10.00 -15.93 -9.47
N TRP C 228 10.62 -15.19 -10.37
CA TRP C 228 11.38 -14.00 -10.00
C TRP C 228 11.18 -12.91 -11.06
N PRO C 229 10.15 -12.07 -10.93
CA PRO C 229 9.91 -11.03 -11.93
C PRO C 229 11.09 -10.11 -12.07
N GLY C 230 11.43 -9.78 -13.32
CA GLY C 230 12.62 -8.97 -13.65
C GLY C 230 13.92 -9.71 -13.87
N VAL C 231 13.94 -11.00 -13.50
CA VAL C 231 15.16 -11.79 -13.59
C VAL C 231 15.81 -11.88 -14.99
N THR C 232 15.00 -11.99 -16.06
CA THR C 232 15.58 -12.17 -17.40
C THR C 232 16.09 -10.87 -17.99
N SER C 233 15.65 -9.74 -17.43
CA SER C 233 16.13 -8.38 -17.78
C SER C 233 17.33 -7.89 -16.94
N MET C 234 17.92 -8.73 -16.09
CA MET C 234 19.00 -8.30 -15.18
C MET C 234 20.34 -8.17 -15.91
N PRO C 235 21.21 -7.28 -15.41
CA PRO C 235 22.45 -7.03 -16.13
C PRO C 235 23.23 -8.27 -16.61
N ASP C 236 23.44 -9.24 -15.72
CA ASP C 236 24.30 -10.39 -15.99
C ASP C 236 23.52 -11.69 -16.21
N TYR C 237 22.20 -11.57 -16.41
CA TYR C 237 21.40 -12.68 -16.86
C TYR C 237 21.61 -12.86 -18.36
N LYS C 238 21.79 -14.08 -18.81
CA LYS C 238 22.03 -14.39 -20.22
C LYS C 238 20.96 -15.38 -20.70
N PRO C 239 20.32 -15.12 -21.86
CA PRO C 239 19.28 -16.02 -22.42
C PRO C 239 19.75 -17.45 -22.66
N SER C 240 21.04 -17.63 -22.93
CA SER C 240 21.63 -18.95 -23.10
C SER C 240 21.78 -19.79 -21.83
N PHE C 241 21.51 -19.21 -20.65
CA PHE C 241 21.50 -19.99 -19.41
C PHE C 241 20.65 -21.25 -19.60
N PRO C 242 21.19 -22.42 -19.24
CA PRO C 242 20.40 -23.65 -19.25
C PRO C 242 19.21 -23.60 -18.31
N LYS C 243 18.14 -24.27 -18.70
CA LYS C 243 16.91 -24.32 -17.93
C LYS C 243 16.88 -25.68 -17.22
N TRP C 244 17.30 -25.69 -15.96
CA TRP C 244 17.24 -26.87 -15.12
C TRP C 244 16.02 -26.81 -14.25
N ALA C 245 15.52 -27.98 -13.93
CA ALA C 245 14.33 -28.11 -13.11
C ALA C 245 14.78 -28.16 -11.67
N ARG C 246 13.91 -27.68 -10.80
CA ARG C 246 14.12 -27.68 -9.37
C ARG C 246 14.17 -29.12 -8.90
N GLN C 247 15.19 -29.44 -8.14
CA GLN C 247 15.24 -30.78 -7.62
C GLN C 247 14.58 -30.85 -6.25
N ASP C 248 13.99 -32.02 -5.98
CA ASP C 248 13.26 -32.28 -4.75
C ASP C 248 14.18 -31.97 -3.58
N PHE C 249 13.62 -31.34 -2.57
CA PHE C 249 14.41 -30.96 -1.42
C PHE C 249 14.85 -32.10 -0.48
N SER C 250 14.21 -33.27 -0.57
CA SER C 250 14.66 -34.47 0.12
C SER C 250 15.85 -35.21 -0.53
N LYS C 251 16.30 -34.82 -1.72
CA LYS C 251 17.63 -35.20 -2.22
C LYS C 251 18.65 -34.13 -1.80
N VAL C 252 18.22 -32.87 -1.74
CA VAL C 252 19.11 -31.74 -1.43
C VAL C 252 19.66 -31.84 -0.02
N VAL C 253 18.75 -32.00 0.94
CA VAL C 253 19.08 -32.18 2.35
C VAL C 253 18.26 -33.35 2.99
N PRO C 254 18.67 -34.61 2.73
CA PRO C 254 17.95 -35.82 3.22
C PRO C 254 17.68 -35.88 4.72
N PRO C 255 18.65 -35.45 5.57
CA PRO C 255 18.36 -35.54 7.02
C PRO C 255 17.21 -34.70 7.60
N LEU C 256 16.68 -33.74 6.84
CA LEU C 256 15.78 -32.75 7.42
C LEU C 256 14.31 -33.21 7.35
N ASP C 257 13.56 -32.94 8.39
CA ASP C 257 12.09 -33.10 8.42
C ASP C 257 11.35 -32.05 7.50
N GLU C 258 10.03 -32.11 7.46
CA GLU C 258 9.25 -31.18 6.65
C GLU C 258 9.51 -29.70 7.03
N ASP C 259 9.56 -29.40 8.33
CA ASP C 259 9.81 -28.06 8.84
C ASP C 259 11.18 -27.51 8.41
N GLY C 260 12.22 -28.35 8.52
CA GLY C 260 13.58 -28.02 8.07
C GLY C 260 13.66 -27.71 6.59
N ARG C 261 13.06 -28.55 5.77
CA ARG C 261 13.04 -28.34 4.31
C ARG C 261 12.35 -27.04 3.96
N SER C 262 11.25 -26.76 4.63
CA SER C 262 10.45 -25.56 4.37
C SER C 262 11.21 -24.29 4.75
N LEU C 263 11.89 -24.29 5.90
CA LEU C 263 12.66 -23.16 6.31
C LEU C 263 13.84 -22.92 5.33
N LEU C 264 14.58 -23.96 4.98
CA LEU C 264 15.69 -23.80 4.03
C LEU C 264 15.22 -23.20 2.70
N SER C 265 14.10 -23.72 2.18
CA SER C 265 13.62 -23.24 0.88
C SER C 265 13.24 -21.77 0.94
N GLN C 266 12.60 -21.35 2.03
CA GLN C 266 12.28 -19.93 2.24
C GLN C 266 13.52 -19.01 2.42
N MET C 267 14.61 -19.58 2.94
CA MET C 267 15.88 -18.87 3.05
C MET C 267 16.61 -18.76 1.71
N LEU C 268 16.37 -19.67 0.78
CA LEU C 268 16.98 -19.65 -0.56
C LEU C 268 15.93 -19.34 -1.64
N HIS C 269 14.85 -18.65 -1.25
CA HIS C 269 13.93 -18.08 -2.21
C HIS C 269 14.66 -17.12 -3.16
N TYR C 270 14.39 -17.22 -4.45
CA TYR C 270 15.11 -16.43 -5.45
C TYR C 270 14.87 -14.93 -5.32
N ASP C 271 13.60 -14.53 -5.31
CA ASP C 271 13.21 -13.14 -5.30
C ASP C 271 13.54 -12.59 -3.91
N PRO C 272 14.51 -11.67 -3.81
CA PRO C 272 14.84 -11.11 -2.50
C PRO C 272 13.66 -10.51 -1.70
N ASN C 273 12.65 -9.94 -2.38
CA ASN C 273 11.49 -9.35 -1.70
C ASN C 273 10.66 -10.37 -0.95
N LYS C 274 10.64 -11.62 -1.42
CA LYS C 274 9.88 -12.70 -0.80
C LYS C 274 10.74 -13.64 0.05
N ARG C 275 12.07 -13.46 0.02
CA ARG C 275 12.93 -14.30 0.86
C ARG C 275 12.62 -13.95 2.31
N ILE C 276 12.66 -14.97 3.15
CA ILE C 276 12.25 -14.84 4.54
C ILE C 276 13.19 -13.93 5.34
N SER C 277 12.62 -13.13 6.23
CA SER C 277 13.42 -12.28 7.14
C SER C 277 14.00 -13.11 8.29
N ALA C 278 15.08 -12.61 8.87
CA ALA C 278 15.59 -13.19 10.09
C ALA C 278 14.49 -13.32 11.15
N LYS C 279 13.69 -12.26 11.29
CA LYS C 279 12.64 -12.19 12.32
C LYS C 279 11.58 -13.25 12.12
N ALA C 280 11.05 -13.36 10.90
CA ALA C 280 10.09 -14.40 10.60
C ALA C 280 10.71 -15.82 10.64
N ALA C 281 11.99 -15.96 10.34
CA ALA C 281 12.63 -17.25 10.42
C ALA C 281 12.67 -17.79 11.86
N LEU C 282 12.87 -16.91 12.84
CA LEU C 282 12.82 -17.29 14.25
C LEU C 282 11.46 -17.81 14.67
N ALA C 283 10.41 -17.30 14.07
CA ALA C 283 9.05 -17.76 14.34
C ALA C 283 8.62 -18.98 13.51
N HIS C 284 9.53 -19.56 12.73
CA HIS C 284 9.18 -20.73 11.91
C HIS C 284 8.99 -21.97 12.82
N PRO C 285 8.01 -22.83 12.48
CA PRO C 285 7.76 -24.07 13.24
C PRO C 285 9.00 -24.95 13.50
N PHE C 286 9.98 -24.95 12.61
CA PHE C 286 11.26 -25.63 12.82
C PHE C 286 11.85 -25.36 14.20
N PHE C 287 11.60 -24.17 14.74
CA PHE C 287 12.17 -23.81 16.04
C PHE C 287 11.30 -24.02 17.26
N GLN C 288 10.11 -24.61 17.11
CA GLN C 288 9.22 -24.74 18.27
C GLN C 288 9.78 -25.65 19.37
N ASP C 289 10.61 -26.62 19.00
CA ASP C 289 11.32 -27.46 20.00
C ASP C 289 12.81 -27.15 20.26
N VAL C 290 13.27 -25.97 19.89
CA VAL C 290 14.71 -25.62 20.00
C VAL C 290 15.17 -25.62 21.46
N THR C 291 16.44 -25.94 21.72
CA THR C 291 16.95 -26.08 23.10
C THR C 291 18.08 -25.09 23.44
N PRO D 2 10.14 -4.51 5.78
CA PRO D 2 9.06 -4.08 6.68
C PRO D 2 9.10 -4.61 8.16
N ASP D 3 9.53 -5.86 8.37
CA ASP D 3 9.73 -6.46 9.72
C ASP D 3 10.51 -5.49 10.63
N TYR D 4 11.68 -5.15 10.14
CA TYR D 4 12.74 -4.47 10.85
C TYR D 4 12.77 -2.96 10.48
N HIS D 5 11.91 -2.51 9.55
CA HIS D 5 11.79 -1.08 9.19
C HIS D 5 11.27 -0.25 10.35
N GLU D 6 10.19 -0.69 11.00
CA GLU D 6 9.75 -0.07 12.25
C GLU D 6 10.85 -0.11 13.32
N ASP D 7 11.53 -1.25 13.47
CA ASP D 7 12.66 -1.37 14.43
C ASP D 7 13.81 -0.40 14.17
N ILE D 8 14.10 -0.16 12.88
CA ILE D 8 15.18 0.74 12.50
C ILE D 8 14.82 2.14 12.88
N HIS D 9 13.57 2.52 12.61
CA HIS D 9 13.08 3.84 12.97
C HIS D 9 13.23 4.05 14.45
N THR D 10 12.76 3.08 15.24
CA THR D 10 12.82 3.15 16.73
C THR D 10 14.27 3.28 17.19
N TYR D 11 15.12 2.44 16.63
CA TYR D 11 16.52 2.49 16.98
C TYR D 11 17.16 3.86 16.62
N LEU D 12 16.88 4.39 15.44
CA LEU D 12 17.47 5.68 15.04
C LEU D 12 16.97 6.83 15.95
N ARG D 13 15.71 6.71 16.40
CA ARG D 13 15.13 7.71 17.29
C ARG D 13 15.83 7.72 18.64
N GLU D 14 16.24 6.54 19.06
CA GLU D 14 16.98 6.38 20.30
C GLU D 14 18.41 6.96 20.19
N MET D 15 19.10 6.60 19.12
CA MET D 15 20.48 7.06 18.88
C MET D 15 20.65 8.55 18.54
N GLU D 16 19.62 9.19 17.97
CA GLU D 16 19.71 10.62 17.67
C GLU D 16 19.77 11.44 18.93
N VAL D 17 19.18 10.95 20.02
CA VAL D 17 19.32 11.62 21.32
C VAL D 17 20.77 11.49 21.83
N LYS D 18 21.37 10.31 21.69
CA LYS D 18 22.73 10.03 22.19
C LYS D 18 23.85 10.64 21.37
N CYS D 19 23.67 10.70 20.05
CA CYS D 19 24.65 11.32 19.13
C CYS D 19 24.40 12.86 18.91
N LYS D 20 23.57 13.48 19.76
CA LYS D 20 23.33 14.93 19.73
C LYS D 20 24.52 15.72 20.32
N PRO D 21 24.90 16.83 19.67
CA PRO D 21 25.90 17.74 20.27
C PRO D 21 25.29 18.64 21.34
N LYS D 22 26.15 19.40 22.02
CA LYS D 22 25.73 20.34 23.08
C LYS D 22 25.23 21.63 22.45
N VAL D 23 23.99 22.01 22.74
CA VAL D 23 23.30 23.10 22.03
C VAL D 23 24.09 24.41 22.06
N GLY D 24 24.73 24.70 23.20
CA GLY D 24 25.38 26.00 23.41
C GLY D 24 26.88 26.01 23.29
N TYR D 25 27.47 25.05 22.56
CA TYR D 25 28.91 24.87 22.61
C TYR D 25 29.71 26.06 22.08
N MET D 26 29.10 26.86 21.20
CA MET D 26 29.82 27.92 20.49
C MET D 26 30.16 29.12 21.41
N LYS D 27 29.24 29.43 22.33
CA LYS D 27 29.50 30.36 23.46
C LYS D 27 30.82 30.03 24.16
N LYS D 28 31.07 28.73 24.38
CA LYS D 28 32.26 28.26 25.10
C LYS D 28 33.51 28.12 24.26
N GLN D 29 33.40 28.34 22.95
CA GLN D 29 34.58 28.40 22.09
C GLN D 29 35.14 29.83 22.06
N PRO D 30 36.39 30.01 22.51
CA PRO D 30 36.97 31.35 22.53
C PRO D 30 37.17 31.98 21.16
N ASP D 31 37.66 31.22 20.18
CA ASP D 31 38.15 31.82 18.92
C ASP D 31 37.27 31.61 17.65
N ILE D 32 36.20 30.82 17.73
CA ILE D 32 35.34 30.52 16.58
C ILE D 32 33.88 30.81 16.88
N THR D 33 33.07 31.00 15.83
CA THR D 33 31.68 31.48 15.97
C THR D 33 30.79 30.74 15.00
N ASN D 34 29.48 30.88 15.19
CA ASN D 34 28.48 30.35 14.27
C ASN D 34 28.74 30.73 12.81
N SER D 35 29.15 31.96 12.61
CA SER D 35 29.38 32.47 11.28
C SER D 35 30.56 31.77 10.59
N MET D 36 31.65 31.50 11.32
CA MET D 36 32.76 30.71 10.74
C MET D 36 32.32 29.25 10.51
N ARG D 37 31.47 28.71 11.36
CA ARG D 37 30.90 27.37 11.14
C ARG D 37 30.13 27.29 9.82
N ALA D 38 29.27 28.28 9.59
CA ALA D 38 28.48 28.44 8.35
C ALA D 38 29.34 28.48 7.10
N ILE D 39 30.45 29.18 7.19
CA ILE D 39 31.39 29.24 6.10
C ILE D 39 31.96 27.85 5.85
N LEU D 40 32.31 27.15 6.92
CA LEU D 40 32.92 25.82 6.77
C LEU D 40 31.93 24.80 6.16
N VAL D 41 30.71 24.76 6.66
CA VAL D 41 29.71 23.84 6.15
C VAL D 41 29.37 24.14 4.66
N ASP D 42 29.19 25.41 4.35
CA ASP D 42 28.96 25.84 2.98
C ASP D 42 30.12 25.42 2.07
N TRP D 43 31.34 25.53 2.54
CA TRP D 43 32.48 25.00 1.75
C TRP D 43 32.40 23.47 1.59
N LEU D 44 31.92 22.74 2.62
CA LEU D 44 31.81 21.28 2.54
C LEU D 44 30.77 20.83 1.50
N VAL D 45 29.72 21.62 1.33
CA VAL D 45 28.75 21.41 0.28
C VAL D 45 29.44 21.42 -1.08
N GLU D 46 30.33 22.39 -1.28
CA GLU D 46 31.07 22.51 -2.54
C GLU D 46 32.00 21.36 -2.74
N VAL D 47 32.65 20.92 -1.67
CA VAL D 47 33.57 19.77 -1.73
C VAL D 47 32.81 18.50 -2.09
N GLY D 48 31.68 18.30 -1.43
CA GLY D 48 30.72 17.28 -1.83
C GLY D 48 30.34 17.31 -3.30
N GLU D 49 30.03 18.50 -3.82
CA GLU D 49 29.71 18.69 -5.27
C GLU D 49 30.90 18.41 -6.20
N GLU D 50 32.05 18.96 -5.87
CA GLU D 50 33.27 18.70 -6.61
C GLU D 50 33.59 17.18 -6.74
N TYR D 51 33.39 16.39 -5.67
CA TYR D 51 33.72 14.96 -5.67
C TYR D 51 32.49 14.05 -5.84
N LYS D 52 31.33 14.66 -6.11
CA LYS D 52 30.06 13.92 -6.31
C LYS D 52 29.69 12.96 -5.16
N LEU D 53 29.92 13.42 -3.94
CA LEU D 53 29.69 12.67 -2.75
C LEU D 53 28.19 12.67 -2.46
N GLN D 54 27.71 11.64 -1.76
CA GLN D 54 26.33 11.57 -1.31
C GLN D 54 25.97 12.70 -0.35
N ASN D 55 24.73 13.14 -0.38
CA ASN D 55 24.22 14.05 0.62
C ASN D 55 24.39 13.54 2.07
N GLU D 56 24.19 12.25 2.26
CA GLU D 56 24.37 11.61 3.56
C GLU D 56 25.78 11.83 4.09
N THR D 57 26.77 11.75 3.21
CA THR D 57 28.12 11.98 3.63
C THR D 57 28.31 13.36 4.23
N LEU D 58 27.78 14.38 3.58
CA LEU D 58 27.85 15.74 4.08
C LEU D 58 27.16 15.86 5.41
N HIS D 59 25.99 15.26 5.55
CA HIS D 59 25.26 15.34 6.82
C HIS D 59 26.05 14.69 7.95
N LEU D 60 26.69 13.57 7.66
CA LEU D 60 27.47 12.90 8.66
C LEU D 60 28.63 13.77 9.06
N ALA D 61 29.30 14.37 8.09
CA ALA D 61 30.45 15.22 8.38
C ALA D 61 30.08 16.37 9.35
N VAL D 62 28.92 16.96 9.18
CA VAL D 62 28.49 18.03 10.02
C VAL D 62 28.25 17.51 11.46
N ASN D 63 27.60 16.35 11.59
CA ASN D 63 27.43 15.70 12.90
C ASN D 63 28.78 15.58 13.62
N TYR D 64 29.80 15.09 12.90
CA TYR D 64 31.08 14.86 13.52
C TYR D 64 31.72 16.16 13.99
N ILE D 65 31.56 17.21 13.19
CA ILE D 65 32.17 18.49 13.47
C ILE D 65 31.57 19.07 14.75
N ASP D 66 30.25 19.09 14.79
CA ASP D 66 29.57 19.66 15.91
C ASP D 66 29.92 18.90 17.19
N ARG D 67 29.96 17.56 17.11
CA ARG D 67 30.31 16.73 18.25
C ARG D 67 31.72 17.02 18.72
N PHE D 68 32.65 17.08 17.77
CA PHE D 68 34.05 17.37 18.12
C PHE D 68 34.24 18.76 18.77
N LEU D 69 33.61 19.79 18.21
CA LEU D 69 33.69 21.15 18.76
C LEU D 69 32.89 21.30 20.08
N SER D 70 32.03 20.33 20.42
CA SER D 70 31.36 20.29 21.72
C SER D 70 32.30 20.05 22.87
N SER D 71 33.43 19.41 22.62
CA SER D 71 34.39 19.13 23.67
C SER D 71 35.82 19.61 23.44
N MET D 72 36.16 20.09 22.24
CA MET D 72 37.52 20.60 21.94
C MET D 72 37.54 22.04 21.45
N SER D 73 38.51 22.78 21.97
CA SER D 73 38.76 24.16 21.62
C SER D 73 39.65 24.17 20.43
N VAL D 74 39.23 24.95 19.42
CA VAL D 74 39.92 25.00 18.13
C VAL D 74 40.10 26.47 17.72
N LEU D 75 41.31 26.82 17.31
CA LEU D 75 41.56 28.13 16.74
C LEU D 75 41.03 28.20 15.32
N ARG D 76 40.63 29.40 14.90
CA ARG D 76 39.99 29.60 13.60
C ARG D 76 40.82 29.06 12.43
N GLY D 77 42.14 29.22 12.50
CA GLY D 77 43.03 28.70 11.44
C GLY D 77 43.09 27.15 11.32
N LYS D 78 42.55 26.46 12.32
CA LYS D 78 42.49 25.01 12.35
C LYS D 78 41.08 24.46 12.13
N LEU D 79 40.06 25.33 12.06
CA LEU D 79 38.68 24.87 11.86
C LEU D 79 38.48 24.10 10.54
N GLN D 80 39.14 24.54 9.46
CA GLN D 80 39.05 23.85 8.19
C GLN D 80 39.67 22.47 8.24
N LEU D 81 40.70 22.32 9.07
CA LEU D 81 41.38 21.05 9.25
C LEU D 81 40.43 20.01 9.90
N VAL D 82 39.66 20.46 10.90
CA VAL D 82 38.68 19.60 11.54
C VAL D 82 37.65 19.14 10.48
N GLY D 83 37.15 20.11 9.72
CA GLY D 83 36.19 19.89 8.64
C GLY D 83 36.65 18.92 7.57
N THR D 84 37.89 19.06 7.10
CA THR D 84 38.49 18.17 6.14
C THR D 84 38.57 16.74 6.67
N ALA D 85 39.06 16.56 7.89
CA ALA D 85 39.20 15.25 8.50
C ALA D 85 37.83 14.62 8.76
N ALA D 86 36.87 15.42 9.16
CA ALA D 86 35.51 14.92 9.30
C ALA D 86 34.90 14.42 7.99
N MET D 87 35.15 15.16 6.91
CA MET D 87 34.62 14.78 5.59
C MET D 87 35.32 13.53 5.09
N LEU D 88 36.61 13.41 5.36
CA LEU D 88 37.36 12.18 5.04
C LEU D 88 36.76 10.98 5.78
N LEU D 89 36.54 11.13 7.07
CA LEU D 89 35.95 10.05 7.86
C LEU D 89 34.58 9.66 7.38
N ALA D 90 33.72 10.66 7.16
CA ALA D 90 32.37 10.40 6.67
C ALA D 90 32.40 9.64 5.32
N SER D 91 33.21 10.12 4.39
CA SER D 91 33.41 9.46 3.11
C SER D 91 33.76 7.99 3.30
N LYS D 92 34.70 7.68 4.21
CA LYS D 92 35.13 6.31 4.43
C LYS D 92 34.00 5.47 5.02
N PHE D 93 33.21 6.10 5.87
CA PHE D 93 32.09 5.38 6.43
C PHE D 93 31.07 5.07 5.35
N GLU D 94 30.73 6.08 4.58
CA GLU D 94 29.46 6.07 3.80
C GLU D 94 29.58 5.80 2.29
N GLU D 95 30.71 6.18 1.68
CA GLU D 95 30.88 6.08 0.22
C GLU D 95 31.44 4.77 -0.24
N ILE D 96 31.06 4.36 -1.45
CA ILE D 96 31.64 3.22 -2.10
C ILE D 96 33.08 3.52 -2.49
N TYR D 97 33.31 4.70 -3.06
CA TYR D 97 34.65 5.14 -3.47
C TYR D 97 35.01 6.47 -2.78
N PRO D 98 35.56 6.39 -1.56
CA PRO D 98 35.95 7.65 -0.91
C PRO D 98 37.09 8.35 -1.65
N PRO D 99 37.08 9.69 -1.70
CA PRO D 99 38.29 10.32 -2.26
C PRO D 99 39.51 10.03 -1.45
N GLU D 100 40.65 10.03 -2.10
CA GLU D 100 41.88 9.73 -1.39
C GLU D 100 42.32 10.99 -0.65
N VAL D 101 43.24 10.81 0.29
CA VAL D 101 43.61 11.88 1.22
C VAL D 101 44.26 13.05 0.46
N ALA D 102 45.12 12.72 -0.51
CA ALA D 102 45.77 13.72 -1.37
C ALA D 102 44.79 14.65 -2.09
N GLU D 103 43.59 14.15 -2.39
CA GLU D 103 42.55 14.96 -3.02
C GLU D 103 41.95 15.91 -2.01
N PHE D 104 41.72 15.42 -0.80
CA PHE D 104 41.26 16.30 0.26
C PHE D 104 42.29 17.41 0.57
N VAL D 105 43.58 17.07 0.57
CA VAL D 105 44.63 18.07 0.74
C VAL D 105 44.52 19.11 -0.35
N TYR D 106 44.42 18.66 -1.61
CA TYR D 106 44.27 19.53 -2.79
C TYR D 106 43.11 20.51 -2.72
N ILE D 107 41.94 20.07 -2.28
CA ILE D 107 40.83 21.05 -2.18
C ILE D 107 40.94 22.03 -1.04
N THR D 108 41.85 21.81 -0.08
CA THR D 108 42.14 22.87 0.91
C THR D 108 43.09 23.90 0.30
N ASP D 109 43.52 23.67 -0.94
CA ASP D 109 44.52 24.47 -1.63
C ASP D 109 45.84 24.50 -0.84
N ASP D 110 46.33 23.33 -0.45
CA ASP D 110 47.53 23.19 0.40
C ASP D 110 47.60 24.08 1.70
N THR D 111 46.43 24.44 2.28
CA THR D 111 46.39 25.06 3.60
C THR D 111 46.99 24.09 4.64
N TYR D 112 46.75 22.79 4.46
CA TYR D 112 47.28 21.73 5.32
C TYR D 112 48.03 20.66 4.55
N THR D 113 48.81 19.86 5.27
CA THR D 113 49.50 18.71 4.65
C THR D 113 48.73 17.42 4.90
N LYS D 114 49.17 16.39 4.21
CA LYS D 114 48.64 15.06 4.39
C LYS D 114 48.80 14.59 5.86
N LYS D 115 50.02 14.77 6.39
CA LYS D 115 50.36 14.40 7.75
C LYS D 115 49.37 15.07 8.75
N GLN D 116 49.07 16.34 8.53
CA GLN D 116 48.12 17.05 9.40
C GLN D 116 46.71 16.48 9.33
N VAL D 117 46.24 16.18 8.11
CA VAL D 117 44.87 15.69 7.92
C VAL D 117 44.74 14.32 8.58
N LEU D 118 45.76 13.48 8.39
CA LEU D 118 45.79 12.14 9.03
C LEU D 118 45.87 12.15 10.53
N ARG D 119 46.71 13.01 11.12
CA ARG D 119 46.74 13.19 12.58
C ARG D 119 45.44 13.74 13.11
N MET D 120 44.79 14.67 12.39
CA MET D 120 43.47 15.15 12.77
C MET D 120 42.41 14.08 12.67
N GLU D 121 42.49 13.23 11.65
CA GLU D 121 41.61 12.08 11.57
C GLU D 121 41.68 11.26 12.86
N HIS D 122 42.90 10.93 13.28
CA HIS D 122 43.13 10.19 14.56
C HIS D 122 42.56 10.90 15.79
N LEU D 123 42.73 12.21 15.87
CA LEU D 123 42.20 13.01 16.96
C LEU D 123 40.65 13.06 16.96
N VAL D 124 40.04 13.22 15.78
CA VAL D 124 38.57 13.23 15.69
C VAL D 124 38.00 11.86 16.12
N LEU D 125 38.67 10.77 15.69
CA LEU D 125 38.23 9.42 16.03
C LEU D 125 38.36 9.19 17.54
N LYS D 126 39.50 9.58 18.11
CA LYS D 126 39.70 9.53 19.56
C LYS D 126 38.62 10.31 20.32
N VAL D 127 38.37 11.56 19.95
CA VAL D 127 37.39 12.39 20.66
C VAL D 127 35.95 11.86 20.51
N LEU D 128 35.61 11.33 19.34
CA LEU D 128 34.28 10.77 19.15
C LEU D 128 34.22 9.29 19.56
N THR D 129 35.31 8.72 20.07
CA THR D 129 35.39 7.30 20.49
C THR D 129 34.87 6.37 19.37
N PHE D 130 35.27 6.67 18.13
CA PHE D 130 34.91 5.91 16.95
C PHE D 130 33.39 5.77 16.73
N ASP D 131 32.57 6.62 17.33
CA ASP D 131 31.11 6.50 17.19
C ASP D 131 30.68 7.33 16.02
N LEU D 132 30.85 6.72 14.84
CA LEU D 132 30.56 7.45 13.60
C LEU D 132 29.21 7.14 12.97
N ALA D 133 28.48 6.15 13.49
CA ALA D 133 27.24 5.71 12.84
C ALA D 133 26.09 6.54 13.34
N ALA D 134 26.11 7.84 13.06
CA ALA D 134 25.11 8.77 13.63
C ALA D 134 23.90 8.93 12.75
N PRO D 135 22.69 9.02 13.34
CA PRO D 135 21.53 9.39 12.54
C PRO D 135 21.65 10.83 11.97
N THR D 136 21.04 11.05 10.82
CA THR D 136 21.07 12.34 10.14
C THR D 136 19.67 12.68 9.69
N VAL D 137 19.49 13.93 9.31
CA VAL D 137 18.23 14.44 8.78
C VAL D 137 17.86 13.65 7.55
N ASN D 138 18.86 13.35 6.71
CA ASN D 138 18.67 12.59 5.49
C ASN D 138 18.11 11.16 5.76
N GLN D 139 18.65 10.44 6.74
CA GLN D 139 18.14 9.11 7.06
C GLN D 139 16.65 9.15 7.46
N PHE D 140 16.19 10.22 8.09
CA PHE D 140 14.77 10.28 8.43
C PHE D 140 13.89 10.69 7.23
N LEU D 141 14.41 11.58 6.40
CA LEU D 141 13.73 12.04 5.21
C LEU D 141 13.37 10.88 4.31
N THR D 142 14.35 10.01 4.04
CA THR D 142 14.12 8.96 3.06
C THR D 142 13.05 8.01 3.56
N GLN D 143 13.02 7.77 4.86
CA GLN D 143 11.90 7.03 5.49
C GLN D 143 10.58 7.76 5.31
N TYR D 144 10.58 9.07 5.59
CA TYR D 144 9.37 9.88 5.44
C TYR D 144 8.80 9.89 4.03
N PHE D 145 9.68 9.92 3.03
CA PHE D 145 9.27 9.89 1.62
C PHE D 145 8.42 8.69 1.22
N LEU D 146 8.64 7.53 1.83
CA LEU D 146 7.82 6.32 1.59
C LEU D 146 6.30 6.47 1.89
N HIS D 147 5.93 7.52 2.63
CA HIS D 147 4.52 7.81 2.94
C HIS D 147 3.84 8.82 1.96
N GLN D 148 4.40 8.95 0.76
CA GLN D 148 3.82 9.67 -0.36
C GLN D 148 4.03 8.72 -1.57
N GLN D 149 2.94 8.20 -2.12
CA GLN D 149 2.96 7.17 -3.16
C GLN D 149 2.03 7.56 -4.30
N PRO D 150 2.48 7.59 -5.56
CA PRO D 150 3.88 7.47 -5.96
C PRO D 150 4.71 8.69 -5.51
N ALA D 151 6.01 8.46 -5.36
CA ALA D 151 6.95 9.48 -4.90
C ALA D 151 6.83 10.75 -5.76
N ASN D 152 6.86 11.91 -5.14
CA ASN D 152 6.90 13.17 -5.89
C ASN D 152 8.36 13.64 -5.82
N CYS D 153 9.03 13.60 -6.97
CA CYS D 153 10.47 13.86 -7.04
C CYS D 153 10.82 15.33 -6.74
N LYS D 154 9.90 16.24 -7.01
CA LYS D 154 10.09 17.64 -6.72
C LYS D 154 10.02 17.90 -5.21
N VAL D 155 9.01 17.32 -4.56
CA VAL D 155 8.91 17.33 -3.08
C VAL D 155 10.16 16.78 -2.44
N GLU D 156 10.64 15.64 -2.92
CA GLU D 156 11.83 15.03 -2.30
C GLU D 156 13.03 15.95 -2.40
N SER D 157 13.29 16.51 -3.58
CA SER D 157 14.42 17.45 -3.75
C SER D 157 14.26 18.72 -2.89
N LEU D 158 13.07 19.29 -2.86
CA LEU D 158 12.85 20.48 -2.03
C LEU D 158 13.01 20.18 -0.54
N ALA D 159 12.52 19.00 -0.11
CA ALA D 159 12.75 18.56 1.26
C ALA D 159 14.23 18.40 1.60
N MET D 160 15.00 17.83 0.68
CA MET D 160 16.44 17.68 0.86
C MET D 160 17.10 19.03 0.92
N PHE D 161 16.66 19.96 0.07
CA PHE D 161 17.19 21.33 0.02
C PHE D 161 17.04 21.99 1.38
N LEU D 162 15.84 21.93 1.92
CA LEU D 162 15.53 22.56 3.19
C LEU D 162 16.29 21.95 4.34
N GLY D 163 16.40 20.61 4.34
CA GLY D 163 17.20 19.93 5.33
C GLY D 163 18.66 20.31 5.24
N GLU D 164 19.15 20.56 4.05
CA GLU D 164 20.58 20.90 3.86
C GLU D 164 20.86 22.33 4.36
N LEU D 165 19.90 23.24 4.17
CA LEU D 165 20.06 24.61 4.62
C LEU D 165 20.21 24.64 6.13
N SER D 166 19.51 23.72 6.81
CA SER D 166 19.52 23.66 8.27
C SER D 166 20.92 23.33 8.81
N LEU D 167 21.73 22.63 8.03
CA LEU D 167 23.10 22.34 8.44
C LEU D 167 23.94 23.62 8.66
N ILE D 168 23.60 24.68 7.92
CA ILE D 168 24.43 25.89 7.81
C ILE D 168 24.40 26.74 9.06
N ASP D 169 23.20 26.81 9.66
CA ASP D 169 22.93 27.72 10.77
C ASP D 169 22.74 26.99 12.15
N ALA D 170 23.82 26.87 12.93
CA ALA D 170 23.79 26.31 14.32
C ALA D 170 22.69 26.88 15.22
N ASP D 171 22.52 28.19 15.09
CA ASP D 171 21.39 28.92 15.65
C ASP D 171 20.42 29.13 14.47
N PRO D 172 19.23 28.52 14.48
CA PRO D 172 18.66 27.79 15.60
C PRO D 172 18.70 26.25 15.52
N TYR D 173 19.19 25.69 14.41
CA TYR D 173 18.96 24.25 14.16
C TYR D 173 19.66 23.25 15.06
N LEU D 174 20.67 23.66 15.80
CA LEU D 174 21.23 22.78 16.83
C LEU D 174 20.31 22.41 17.97
N LYS D 175 19.23 23.13 18.17
CA LYS D 175 18.31 22.76 19.23
C LYS D 175 17.18 21.82 18.82
N TYR D 176 17.14 21.42 17.55
CA TYR D 176 16.18 20.42 17.10
C TYR D 176 16.88 19.11 16.80
N LEU D 177 16.15 18.01 16.96
CA LEU D 177 16.67 16.69 16.58
C LEU D 177 16.56 16.45 15.06
N PRO D 178 17.42 15.60 14.52
CA PRO D 178 17.30 15.30 13.10
C PRO D 178 15.92 14.88 12.63
N SER D 179 15.24 14.04 13.41
CA SER D 179 13.92 13.53 13.05
C SER D 179 12.87 14.64 12.95
N VAL D 180 13.07 15.69 13.74
CA VAL D 180 12.17 16.83 13.82
C VAL D 180 12.38 17.79 12.64
N ILE D 181 13.64 18.14 12.39
CA ILE D 181 14.00 18.94 11.21
C ILE D 181 13.49 18.29 9.96
N ALA D 182 13.69 16.98 9.88
CA ALA D 182 13.20 16.21 8.73
C ALA D 182 11.70 16.29 8.56
N GLY D 183 10.99 16.29 9.67
CA GLY D 183 9.54 16.34 9.60
C GLY D 183 9.08 17.70 9.10
N ALA D 184 9.71 18.75 9.62
CA ALA D 184 9.45 20.12 9.18
C ALA D 184 9.80 20.28 7.72
N ALA D 185 10.96 19.76 7.32
CA ALA D 185 11.40 19.87 5.92
C ALA D 185 10.41 19.23 4.99
N PHE D 186 9.98 18.03 5.34
CA PHE D 186 9.07 17.26 4.50
C PHE D 186 7.67 17.85 4.46
N HIS D 187 7.15 18.33 5.59
CA HIS D 187 5.89 19.08 5.57
C HIS D 187 5.96 20.31 4.69
N LEU D 188 6.96 21.12 4.92
CA LEU D 188 7.15 22.37 4.15
C LEU D 188 7.29 22.13 2.66
N ALA D 189 8.07 21.12 2.29
CA ALA D 189 8.21 20.74 0.88
C ALA D 189 6.90 20.27 0.28
N LEU D 190 6.20 19.42 1.02
CA LEU D 190 4.94 18.88 0.53
C LEU D 190 3.89 19.97 0.34
N TYR D 191 3.92 20.95 1.23
CA TYR D 191 2.97 22.04 1.20
C TYR D 191 3.22 22.97 0.03
N THR D 192 4.50 23.31 -0.19
CA THR D 192 4.91 24.16 -1.29
C THR D 192 4.51 23.61 -2.64
N VAL D 193 4.74 22.31 -2.87
CA VAL D 193 4.58 21.75 -4.20
C VAL D 193 3.15 21.25 -4.49
N THR D 194 2.51 20.68 -3.48
CA THR D 194 1.24 19.94 -3.68
C THR D 194 0.07 20.51 -2.87
N GLY D 195 0.33 21.41 -1.93
CA GLY D 195 -0.68 21.87 -1.00
C GLY D 195 -1.00 20.90 0.14
N GLN D 196 -0.28 19.78 0.22
CA GLN D 196 -0.60 18.77 1.24
C GLN D 196 0.17 19.02 2.52
N SER D 197 -0.29 18.37 3.59
CA SER D 197 0.34 18.47 4.89
C SER D 197 0.94 17.15 5.39
N TRP D 198 1.73 17.26 6.46
CA TRP D 198 2.31 16.13 7.20
C TRP D 198 1.25 15.02 7.36
N PRO D 199 1.45 13.86 6.69
CA PRO D 199 0.33 12.91 6.57
C PRO D 199 -0.02 12.15 7.84
N GLU D 200 -1.26 11.68 7.91
CA GLU D 200 -1.77 10.92 9.04
C GLU D 200 -0.86 9.72 9.35
N SER D 201 -0.35 9.06 8.30
CA SER D 201 0.52 7.88 8.51
C SER D 201 1.83 8.21 9.21
N LEU D 202 2.38 9.38 8.97
CA LEU D 202 3.61 9.81 9.67
C LEU D 202 3.37 10.29 11.11
N ILE D 203 2.17 10.81 11.37
CA ILE D 203 1.76 11.09 12.77
C ILE D 203 1.76 9.79 13.60
N ARG D 204 1.21 8.72 13.06
CA ARG D 204 1.29 7.36 13.67
C ARG D 204 2.72 6.79 13.84
N LYS D 205 3.51 6.81 12.78
CA LYS D 205 4.87 6.26 12.81
C LYS D 205 5.76 7.05 13.78
N THR D 206 5.73 8.38 13.67
CA THR D 206 6.69 9.22 14.40
C THR D 206 6.16 9.72 15.74
N GLY D 207 4.84 9.73 15.88
CA GLY D 207 4.23 10.33 17.06
C GLY D 207 4.29 11.85 17.08
N TYR D 208 4.81 12.49 16.03
CA TYR D 208 4.82 13.94 15.92
C TYR D 208 3.57 14.41 15.19
N THR D 209 2.93 15.44 15.73
CA THR D 209 1.81 16.14 15.08
C THR D 209 2.39 17.35 14.40
N LEU D 210 1.56 17.97 13.55
CA LEU D 210 1.89 19.30 13.03
C LEU D 210 2.23 20.27 14.17
N GLU D 211 1.44 20.23 15.23
CA GLU D 211 1.67 21.17 16.30
C GLU D 211 3.03 20.97 16.99
N SER D 212 3.51 19.73 17.14
CA SER D 212 4.82 19.52 17.79
C SER D 212 5.94 20.01 16.88
N LEU D 213 5.72 19.88 15.57
CA LEU D 213 6.67 20.37 14.57
C LEU D 213 6.70 21.90 14.38
N LYS D 214 5.69 22.61 14.87
CA LYS D 214 5.48 24.03 14.54
C LYS D 214 6.68 24.99 14.81
N PRO D 215 7.35 24.91 15.98
CA PRO D 215 8.52 25.75 16.23
C PRO D 215 9.67 25.58 15.24
N CYS D 216 9.99 24.33 14.90
CA CYS D 216 11.05 24.03 13.94
C CYS D 216 10.63 24.50 12.56
N LEU D 217 9.38 24.23 12.23
CA LEU D 217 8.74 24.66 10.99
C LEU D 217 8.67 26.18 10.84
N MET D 218 8.45 26.90 11.93
CA MET D 218 8.50 28.37 11.90
C MET D 218 9.88 28.86 11.50
N ASP D 219 10.91 28.28 12.10
CA ASP D 219 12.30 28.64 11.83
C ASP D 219 12.71 28.29 10.41
N LEU D 220 12.27 27.13 9.94
CA LEU D 220 12.63 26.64 8.62
C LEU D 220 11.96 27.41 7.50
N HIS D 221 10.72 27.82 7.72
CA HIS D 221 10.01 28.71 6.79
C HIS D 221 10.76 30.02 6.60
N GLN D 222 11.23 30.60 7.70
CA GLN D 222 12.05 31.83 7.67
C GLN D 222 13.37 31.63 6.94
N THR D 223 14.05 30.54 7.22
CA THR D 223 15.29 30.21 6.53
C THR D 223 15.04 30.10 5.03
N TYR D 224 13.89 29.54 4.66
CA TYR D 224 13.53 29.33 3.27
C TYR D 224 13.22 30.69 2.59
N LEU D 225 12.36 31.50 3.23
CA LEU D 225 12.05 32.87 2.72
C LEU D 225 13.31 33.70 2.50
N LYS D 226 14.20 33.67 3.48
CA LYS D 226 15.41 34.49 3.51
C LYS D 226 16.63 33.87 2.85
N ALA D 227 16.46 32.72 2.19
CA ALA D 227 17.60 32.01 1.59
C ALA D 227 18.35 32.77 0.49
N PRO D 228 17.61 33.46 -0.41
CA PRO D 228 18.34 34.21 -1.44
C PRO D 228 19.26 35.32 -0.91
N GLN D 229 19.04 35.73 0.33
CA GLN D 229 19.84 36.78 0.91
C GLN D 229 20.89 36.29 1.92
N HIS D 230 21.02 34.98 2.11
CA HIS D 230 21.93 34.46 3.09
C HIS D 230 23.34 34.57 2.51
N ALA D 231 24.31 34.94 3.33
CA ALA D 231 25.72 35.04 2.88
C ALA D 231 26.27 33.76 2.20
N GLN D 232 25.84 32.61 2.70
CA GLN D 232 26.24 31.30 2.14
C GLN D 232 25.20 30.88 1.11
N GLN D 233 25.67 30.55 -0.09
CA GLN D 233 24.82 30.28 -1.25
C GLN D 233 25.07 28.98 -1.97
N SER D 234 26.11 28.21 -1.63
CA SER D 234 26.42 26.93 -2.32
C SER D 234 25.26 25.90 -2.40
N ILE D 235 24.43 25.83 -1.37
CA ILE D 235 23.29 24.90 -1.38
C ILE D 235 22.26 25.38 -2.39
N ARG D 236 21.91 26.68 -2.36
CA ARG D 236 21.01 27.22 -3.40
C ARG D 236 21.53 26.97 -4.82
N GLU D 237 22.82 27.21 -5.03
CA GLU D 237 23.43 26.93 -6.34
C GLU D 237 23.34 25.47 -6.71
N LYS D 238 23.58 24.61 -5.73
CA LYS D 238 23.53 23.17 -5.95
C LYS D 238 22.13 22.74 -6.42
N TYR D 239 21.13 23.21 -5.68
CA TYR D 239 19.72 22.89 -5.93
C TYR D 239 19.03 23.67 -7.11
N LYS D 240 19.83 24.44 -7.88
CA LYS D 240 19.40 25.00 -9.17
C LYS D 240 19.44 23.94 -10.25
N ASN D 241 20.35 22.97 -10.13
CA ASN D 241 20.61 21.92 -11.15
C ASN D 241 19.33 21.14 -11.42
N SER D 242 19.28 20.52 -12.61
CA SER D 242 18.13 19.72 -13.05
C SER D 242 18.08 18.35 -12.36
N LYS D 243 19.25 17.85 -11.97
CA LYS D 243 19.42 16.80 -10.95
C LYS D 243 18.43 16.93 -9.75
N TYR D 244 18.22 18.16 -9.23
CA TYR D 244 17.28 18.44 -8.13
C TYR D 244 16.01 19.24 -8.58
N HIS D 245 15.63 19.09 -9.84
CA HIS D 245 14.40 19.71 -10.41
C HIS D 245 14.27 21.27 -10.24
N GLY D 246 15.43 21.94 -10.15
CA GLY D 246 15.53 23.40 -9.93
C GLY D 246 14.73 23.94 -8.74
N VAL D 247 14.64 23.16 -7.67
CA VAL D 247 13.72 23.47 -6.57
C VAL D 247 14.09 24.69 -5.76
N SER D 248 15.39 25.04 -5.70
CA SER D 248 15.81 26.28 -5.04
C SER D 248 15.25 27.54 -5.75
N LEU D 249 14.89 27.42 -7.03
CA LEU D 249 14.18 28.51 -7.76
C LEU D 249 12.69 28.67 -7.48
N LEU D 250 12.00 27.64 -6.98
CA LEU D 250 10.58 27.73 -6.66
C LEU D 250 10.33 28.76 -5.59
N ASN D 251 9.16 29.38 -5.63
CA ASN D 251 8.85 30.43 -4.67
C ASN D 251 8.34 29.84 -3.36
N PRO D 252 8.97 30.21 -2.25
CA PRO D 252 8.44 29.74 -0.97
C PRO D 252 7.01 30.26 -0.79
N PRO D 253 6.14 29.49 -0.12
CA PRO D 253 4.83 30.06 0.20
C PRO D 253 4.94 31.22 1.20
N GLU D 254 4.00 32.16 1.16
CA GLU D 254 4.07 33.33 2.06
C GLU D 254 3.55 33.03 3.48
N THR D 255 2.47 32.24 3.60
CA THR D 255 2.05 31.68 4.92
C THR D 255 1.83 30.16 4.88
N LEU D 256 1.78 29.58 6.08
CA LEU D 256 1.55 28.14 6.27
C LEU D 256 0.17 27.80 6.85
N ASN D 257 -0.54 28.81 7.35
CA ASN D 257 -1.77 28.66 8.14
C ASN D 257 -1.46 27.87 9.42
C10 K4W E . -42.49 -14.38 -1.89
C9 K4W E . -41.59 -13.84 -2.97
C7 K4W E . -40.41 -14.76 -3.23
C8 K4W E . -39.46 -14.08 -4.23
O1 K4W E . -38.24 -14.01 -3.49
N4 K4W E . -40.84 -16.13 -3.53
C1 K4W E . -40.80 -16.74 -4.73
N K4W E . -41.02 -18.06 -4.74
N1 K4W E . -40.56 -16.07 -5.87
C2 K4W E . -40.48 -16.73 -7.03
N3 K4W E . -40.16 -16.07 -8.16
C4 K4W E . -39.59 -14.74 -8.14
C5 K4W E . -40.57 -13.68 -8.60
C6 K4W E . -38.35 -14.75 -9.02
C3 K4W E . -40.67 -18.10 -7.05
N2 K4W E . -40.60 -18.84 -8.24
O K4W E . -39.78 -18.45 -9.08
C K4W E . -40.95 -18.76 -5.87
N5 K4W E . -41.08 -20.11 -5.90
C11 K4W E . -41.07 -20.90 -4.71
C12 K4W E . -42.52 -21.14 -4.44
C17 K4W E . -43.12 -20.68 -3.28
C16 K4W E . -44.49 -20.92 -3.08
C15 K4W E . -45.22 -21.65 -4.06
O2 K4W E . -46.54 -21.90 -3.90
C14 K4W E . -44.57 -22.11 -5.21
C13 K4W E . -43.24 -21.85 -5.39
NA NA F . -13.83 -12.09 14.74
NA NA G . -29.63 19.10 -35.37
C1 GOL H . -9.44 -3.87 -20.00
O1 GOL H . -10.28 -5.01 -19.82
C2 GOL H . -8.18 -4.04 -19.17
O2 GOL H . -8.36 -3.39 -17.91
C3 GOL H . -6.96 -3.46 -19.91
O3 GOL H . -5.76 -3.58 -19.12
C1 GOL I . -1.70 1.47 -4.99
O1 GOL I . -0.67 1.63 -5.98
C2 GOL I . -2.99 1.05 -5.67
O2 GOL I . -2.74 0.03 -6.63
C3 GOL I . -3.97 0.55 -4.62
O3 GOL I . -5.25 0.39 -5.24
C10 K4W J . 40.74 -15.73 11.00
C9 K4W J . 40.05 -14.52 11.59
C7 K4W J . 38.68 -14.91 12.10
C8 K4W J . 37.91 -13.64 12.49
O1 K4W J . 36.62 -13.86 11.94
N4 K4W J . 38.78 -15.98 13.11
C1 K4W J . 38.73 -15.84 14.44
N K4W J . 38.77 -16.98 15.17
N1 K4W J . 38.63 -14.66 15.06
C2 K4W J . 38.57 -14.57 16.37
N3 K4W J . 38.39 -13.39 16.98
C4 K4W J . 37.91 -12.20 16.29
C5 K4W J . 38.97 -11.14 16.17
C6 K4W J . 36.74 -11.68 17.08
C3 K4W J . 38.60 -15.73 17.14
N2 K4W J . 38.53 -15.69 18.53
O K4W J . 37.85 -14.83 19.05
C K4W J . 38.71 -16.94 16.51
N5 K4W J . 38.71 -18.05 17.27
C11 K4W J . 38.65 -19.35 16.69
C12 K4W J . 40.06 -19.84 16.70
C17 K4W J . 40.67 -20.00 17.93
C16 K4W J . 41.95 -20.48 18.03
C15 K4W J . 42.66 -20.77 16.88
O2 K4W J . 43.93 -21.21 17.01
C14 K4W J . 42.07 -20.60 15.61
C13 K4W J . 40.74 -20.12 15.52
NA NA K . 11.99 -19.48 -5.40
C1 GOL L . 14.40 -1.50 1.29
O1 GOL L . 14.86 -0.65 0.25
C2 GOL L . 15.36 -2.69 1.22
O2 GOL L . 15.13 -3.44 0.03
C3 GOL L . 15.21 -3.55 2.48
O3 GOL L . 16.01 -3.01 3.55
NA NA M . 32.43 31.84 20.40
C1 GOL N . 7.48 6.92 17.83
O1 GOL N . 6.15 6.49 18.17
C2 GOL N . 8.51 5.83 18.13
O2 GOL N . 9.06 5.32 16.89
C3 GOL N . 9.59 6.41 19.03
O3 GOL N . 10.47 5.41 19.57
#